data_7MU0
#
_entry.id   7MU0
#
_cell.length_a   50.060
_cell.length_b   106.960
_cell.length_c   269.190
_cell.angle_alpha   90.000
_cell.angle_beta   90.000
_cell.angle_gamma   90.000
#
_symmetry.space_group_name_H-M   'P 2 21 21'
#
loop_
_entity.id
_entity.type
_entity.pdbx_description
1 polymer 'Energy-dependent translational throttle protein EttA'
2 non-polymer "ADENOSINE-5'-DIPHOSPHATE"
3 non-polymer 'MAGNESIUM ION'
#
_entity_poly.entity_id   1
_entity_poly.type   'polypeptide(L)'
_entity_poly.pdbx_seq_one_letter_code
;MAEFIYTMKKVRKAHGDKVILDDVTLSFYPGAKIGVVGPNGAGKSSVLRIMAGLDKPNNGDAFLATGATVGILQQEPPLN
EDKTVRGNVEEGMGDIKIKLDRFNEVAELMATDYTDELMEEMGRLQEELDHADAWDLDAQLEQAMDALRCPPADEPVTNL
SGGERRRVALCKLLLSKPDLLLLDEPTNHLDAESVQWLEQHLASYPGAILAVTHDRYFLDNVAEWILELDRGRAYPYEGN
YSTYLEKKAERLAVQGRKDAKLQKRLTEELAWVRSGAKARQAKSKARLQRYEEMAAEAEKTRKLDFEEIQIPVGPRLGNV
VVEVDHLDKGYDGRALIKDLSFSLPRNGIVGVIGPNGVGKTTLFKTIVGLETPDSGSVKVGETVKLSYVDQARAGIDPRK
TVWEVVSDGLDYIQVGQTEVPSRAYVSAFGFKGPDQQKPAGVLSGGERNRLNLALTLKQGGNLILLDEPTNDLDVETLGS
LENALLNFPGCAVVISHDRWFLDRTCTHILAWEGDDDNEAKWFWFEGNFGAYEENKVERLGVDAARPHRVTHRKLTRG
;
_entity_poly.pdbx_strand_id   A,B
#
loop_
_chem_comp.id
_chem_comp.type
_chem_comp.name
_chem_comp.formula
ADP non-polymer ADENOSINE-5'-DIPHOSPHATE 'C10 H15 N5 O10 P2'
MG non-polymer 'MAGNESIUM ION' 'Mg 2'
#
# COMPACT_ATOMS: atom_id res chain seq x y z
N GLU A 3 -37.12 -2.24 4.63
CA GLU A 3 -36.27 -3.34 5.08
C GLU A 3 -34.86 -2.84 5.33
N PHE A 4 -34.62 -1.56 5.04
CA PHE A 4 -33.33 -0.92 5.28
C PHE A 4 -33.56 0.45 5.90
N ILE A 5 -33.05 0.63 7.13
CA ILE A 5 -33.30 1.88 7.86
C ILE A 5 -32.66 3.07 7.15
N TYR A 6 -31.52 2.86 6.49
CA TYR A 6 -30.89 3.93 5.72
C TYR A 6 -30.11 3.31 4.57
N THR A 7 -30.12 4.01 3.42
CA THR A 7 -29.42 3.57 2.22
C THR A 7 -28.66 4.74 1.63
N MET A 8 -27.39 4.53 1.31
CA MET A 8 -26.59 5.47 0.55
C MET A 8 -26.19 4.79 -0.77
N LYS A 9 -26.39 5.49 -1.87
CA LYS A 9 -26.07 4.98 -3.20
C LYS A 9 -25.26 6.03 -3.95
N LYS A 10 -23.99 5.71 -4.24
CA LYS A 10 -23.12 6.60 -4.99
C LYS A 10 -23.07 7.99 -4.36
N VAL A 11 -23.13 8.03 -3.02
CA VAL A 11 -23.16 9.31 -2.33
C VAL A 11 -21.82 10.01 -2.46
N ARG A 12 -21.86 11.30 -2.79
CA ARG A 12 -20.69 12.14 -2.96
C ARG A 12 -20.93 13.47 -2.29
N LYS A 13 -19.92 13.95 -1.56
CA LYS A 13 -19.99 15.23 -0.87
C LYS A 13 -18.69 15.99 -1.07
N ALA A 14 -18.79 17.23 -1.51
CA ALA A 14 -17.62 18.06 -1.77
C ALA A 14 -17.93 19.50 -1.41
N HIS A 15 -16.89 20.21 -0.99
CA HIS A 15 -16.95 21.65 -0.70
C HIS A 15 -15.94 22.29 -1.64
N GLY A 16 -16.41 22.68 -2.82
CA GLY A 16 -15.55 23.17 -3.87
C GLY A 16 -14.86 22.02 -4.56
N ASP A 17 -13.52 22.00 -4.54
CA ASP A 17 -12.77 20.92 -5.17
C ASP A 17 -12.36 19.82 -4.22
N LYS A 18 -12.40 20.07 -2.92
CA LYS A 18 -12.05 19.04 -1.94
C LYS A 18 -13.22 18.08 -1.80
N VAL A 19 -12.98 16.82 -2.14
CA VAL A 19 -13.99 15.76 -2.09
C VAL A 19 -13.83 15.03 -0.76
N ILE A 20 -14.83 15.18 0.11
CA ILE A 20 -14.78 14.61 1.45
C ILE A 20 -15.59 13.33 1.58
N LEU A 21 -16.50 13.05 0.63
CA LEU A 21 -17.19 11.77 0.54
C LEU A 21 -17.20 11.34 -0.92
N ASP A 22 -16.87 10.07 -1.17
CA ASP A 22 -16.58 9.61 -2.54
C ASP A 22 -17.28 8.28 -2.81
N ASP A 23 -18.40 8.33 -3.52
CA ASP A 23 -19.14 7.14 -3.98
C ASP A 23 -19.37 6.13 -2.85
N VAL A 24 -19.84 6.64 -1.71
CA VAL A 24 -20.18 5.78 -0.60
C VAL A 24 -21.48 5.05 -0.91
N THR A 25 -21.45 3.73 -0.87
CA THR A 25 -22.63 2.90 -1.16
C THR A 25 -22.81 1.91 -0.01
N LEU A 26 -23.73 2.23 0.90
CA LEU A 26 -23.98 1.42 2.08
C LEU A 26 -25.48 1.26 2.27
N SER A 27 -25.86 0.12 2.84
CA SER A 27 -27.26 -0.15 3.20
C SER A 27 -27.28 -0.63 4.64
N PHE A 28 -27.92 0.14 5.51
CA PHE A 28 -27.99 -0.18 6.93
C PHE A 28 -29.33 -0.84 7.21
N TYR A 29 -29.30 -2.05 7.72
CA TYR A 29 -30.50 -2.75 8.13
C TYR A 29 -30.99 -2.23 9.48
N PRO A 30 -32.30 -2.33 9.74
CA PRO A 30 -32.82 -1.82 11.02
C PRO A 30 -32.18 -2.55 12.20
N GLY A 31 -31.86 -1.77 13.24
CA GLY A 31 -31.23 -2.32 14.42
C GLY A 31 -29.74 -2.54 14.32
N ALA A 32 -29.10 -2.08 13.24
CA ALA A 32 -27.68 -2.29 13.05
C ALA A 32 -26.86 -1.44 14.01
N LYS A 33 -25.79 -2.01 14.54
CA LYS A 33 -24.88 -1.32 15.45
C LYS A 33 -23.53 -1.17 14.75
N ILE A 34 -23.24 0.04 14.28
CA ILE A 34 -21.99 0.33 13.59
C ILE A 34 -21.20 1.34 14.41
N GLY A 35 -19.94 1.01 14.69
CA GLY A 35 -18.97 1.99 15.16
C GLY A 35 -18.16 2.51 13.99
N VAL A 36 -17.98 3.82 13.95
CA VAL A 36 -17.30 4.50 12.85
C VAL A 36 -15.95 5.01 13.37
N VAL A 37 -14.87 4.60 12.70
CA VAL A 37 -13.52 4.97 13.10
C VAL A 37 -12.79 5.59 11.92
N GLY A 38 -11.71 6.31 12.23
CA GLY A 38 -10.92 6.97 11.23
C GLY A 38 -10.25 8.22 11.77
N PRO A 39 -9.17 8.64 11.13
CA PRO A 39 -8.45 9.84 11.59
C PRO A 39 -9.29 11.10 11.41
N ASN A 40 -8.83 12.18 12.03
CA ASN A 40 -9.50 13.46 11.90
C ASN A 40 -9.49 13.91 10.44
N GLY A 41 -10.61 14.47 10.00
CA GLY A 41 -10.76 14.88 8.62
C GLY A 41 -11.05 13.76 7.65
N ALA A 42 -11.44 12.58 8.13
CA ALA A 42 -11.74 11.47 7.24
C ALA A 42 -13.16 11.56 6.67
N GLY A 43 -14.08 12.18 7.41
CA GLY A 43 -15.43 12.38 6.89
C GLY A 43 -16.55 11.87 7.78
N LYS A 44 -16.23 11.52 9.03
CA LYS A 44 -17.20 10.86 9.90
C LYS A 44 -18.36 11.78 10.24
N SER A 45 -18.06 13.00 10.71
CA SER A 45 -19.12 13.95 11.05
C SER A 45 -19.96 14.30 9.83
N SER A 46 -19.36 14.30 8.64
CA SER A 46 -20.10 14.59 7.43
C SER A 46 -21.10 13.48 7.12
N VAL A 47 -20.70 12.22 7.30
CA VAL A 47 -21.63 11.10 7.13
C VAL A 47 -22.77 11.22 8.12
N LEU A 48 -22.47 11.54 9.38
CA LEU A 48 -23.54 11.68 10.36
C LEU A 48 -24.50 12.80 9.99
N ARG A 49 -23.99 13.95 9.54
CA ARG A 49 -24.89 15.04 9.16
C ARG A 49 -25.73 14.68 7.94
N ILE A 50 -25.16 13.93 6.98
CA ILE A 50 -25.95 13.50 5.83
C ILE A 50 -27.09 12.59 6.28
N MET A 51 -26.77 11.62 7.14
CA MET A 51 -27.79 10.68 7.60
C MET A 51 -28.83 11.36 8.49
N ALA A 52 -28.43 12.39 9.24
CA ALA A 52 -29.37 13.13 10.06
C ALA A 52 -30.30 14.01 9.25
N GLY A 53 -30.07 14.14 7.94
CA GLY A 53 -30.86 15.06 7.15
C GLY A 53 -30.47 16.51 7.31
N LEU A 54 -29.36 16.78 7.98
CA LEU A 54 -28.87 18.14 8.15
C LEU A 54 -28.15 18.65 6.90
N ASP A 55 -27.57 17.76 6.12
CA ASP A 55 -26.92 18.11 4.86
C ASP A 55 -27.40 17.17 3.77
N LYS A 56 -27.37 17.65 2.52
CA LYS A 56 -27.59 16.73 1.42
C LYS A 56 -26.32 16.52 0.60
N PRO A 57 -26.12 15.33 0.05
CA PRO A 57 -24.94 15.08 -0.80
C PRO A 57 -25.06 15.81 -2.13
N ASN A 58 -23.89 16.05 -2.74
CA ASN A 58 -23.88 16.67 -4.06
C ASN A 58 -24.47 15.72 -5.11
N ASN A 59 -24.11 14.45 -5.05
CA ASN A 59 -24.63 13.43 -5.96
C ASN A 59 -24.98 12.19 -5.17
N GLY A 60 -25.86 11.38 -5.75
CA GLY A 60 -26.25 10.11 -5.16
C GLY A 60 -27.49 10.20 -4.29
N ASP A 61 -27.92 9.02 -3.83
CA ASP A 61 -29.14 8.85 -3.05
C ASP A 61 -28.78 8.58 -1.60
N ALA A 62 -29.26 9.46 -0.70
CA ALA A 62 -29.15 9.26 0.75
C ALA A 62 -30.55 9.30 1.33
N PHE A 63 -31.06 8.15 1.76
CA PHE A 63 -32.48 7.98 2.05
C PHE A 63 -32.66 7.39 3.44
N LEU A 64 -33.42 8.09 4.28
CA LEU A 64 -33.94 7.51 5.51
C LEU A 64 -35.27 6.84 5.20
N ALA A 65 -35.47 5.64 5.75
CA ALA A 65 -36.72 4.91 5.54
C ALA A 65 -37.92 5.76 5.97
N THR A 66 -38.93 5.81 5.11
CA THR A 66 -40.12 6.61 5.41
C THR A 66 -40.83 6.06 6.65
N GLY A 67 -41.24 6.98 7.52
CA GLY A 67 -41.84 6.63 8.79
C GLY A 67 -40.86 6.39 9.91
N ALA A 68 -39.56 6.36 9.62
CA ALA A 68 -38.52 6.20 10.62
C ALA A 68 -38.14 7.54 11.24
N THR A 69 -37.55 7.46 12.43
CA THR A 69 -37.09 8.63 13.17
C THR A 69 -35.57 8.58 13.31
N VAL A 70 -34.96 9.77 13.31
CA VAL A 70 -33.51 9.92 13.39
C VAL A 70 -33.17 10.95 14.46
N GLY A 71 -32.11 10.70 15.20
CA GLY A 71 -31.59 11.67 16.14
C GLY A 71 -30.09 11.73 16.07
N ILE A 72 -29.55 12.92 16.31
CA ILE A 72 -28.14 13.21 16.12
C ILE A 72 -27.59 13.92 17.34
N LEU A 73 -26.38 13.52 17.77
CA LEU A 73 -25.61 14.23 18.78
C LEU A 73 -24.43 14.88 18.06
N GLN A 74 -24.40 16.22 18.06
CA GLN A 74 -23.42 16.99 17.32
C GLN A 74 -22.64 17.89 18.26
N GLN A 75 -21.62 18.56 17.71
CA GLN A 75 -20.63 19.24 18.54
C GLN A 75 -21.24 20.44 19.27
N GLU A 76 -22.15 21.17 18.62
CA GLU A 76 -22.95 22.21 19.26
C GLU A 76 -24.41 21.76 19.26
N PRO A 77 -24.84 21.00 20.25
CA PRO A 77 -26.21 20.50 20.26
C PRO A 77 -27.18 21.64 20.43
N PRO A 78 -28.27 21.66 19.66
CA PRO A 78 -29.30 22.70 19.87
C PRO A 78 -30.19 22.33 21.05
N LEU A 79 -30.30 23.26 22.00
CA LEU A 79 -31.25 23.13 23.10
C LEU A 79 -32.21 24.31 23.07
N ASN A 80 -33.47 24.06 23.39
CA ASN A 80 -34.47 25.11 23.50
C ASN A 80 -34.34 25.77 24.87
N GLU A 81 -33.80 26.99 24.89
CA GLU A 81 -33.53 27.70 26.14
C GLU A 81 -34.80 28.06 26.90
N ASP A 82 -35.99 27.90 26.31
CA ASP A 82 -37.23 28.24 26.98
C ASP A 82 -37.73 27.14 27.91
N LYS A 83 -36.96 26.09 28.10
CA LYS A 83 -37.32 24.98 28.98
C LYS A 83 -36.16 24.67 29.92
N THR A 84 -36.51 24.07 31.06
CA THR A 84 -35.50 23.70 32.05
C THR A 84 -34.82 22.40 31.66
N VAL A 85 -33.88 21.96 32.49
CA VAL A 85 -33.21 20.68 32.26
C VAL A 85 -34.25 19.56 32.13
N ARG A 86 -35.06 19.39 33.18
CA ARG A 86 -36.09 18.35 33.14
C ARG A 86 -37.06 18.58 31.99
N GLY A 87 -37.42 19.84 31.73
CA GLY A 87 -38.32 20.13 30.62
C GLY A 87 -37.73 19.77 29.27
N ASN A 88 -36.47 20.14 29.05
CA ASN A 88 -35.79 19.76 27.81
C ASN A 88 -35.77 18.25 27.64
N VAL A 89 -35.35 17.53 28.69
CA VAL A 89 -35.26 16.07 28.58
C VAL A 89 -36.64 15.44 28.38
N GLU A 90 -37.68 16.03 28.99
CA GLU A 90 -39.03 15.51 28.84
C GLU A 90 -39.56 15.75 27.43
N GLU A 91 -39.18 16.87 26.80
CA GLU A 91 -39.62 17.15 25.44
C GLU A 91 -39.24 16.03 24.48
N GLY A 92 -38.19 15.27 24.80
CA GLY A 92 -37.79 14.16 23.95
C GLY A 92 -38.86 13.08 23.88
N MET A 93 -39.47 12.74 25.01
CA MET A 93 -40.48 11.68 25.02
C MET A 93 -41.76 12.13 24.33
N GLY A 94 -42.12 13.40 24.47
CA GLY A 94 -43.22 13.95 23.70
C GLY A 94 -44.60 13.60 24.23
N ASP A 95 -45.45 13.09 23.33
CA ASP A 95 -46.88 12.94 23.62
C ASP A 95 -47.13 12.04 24.82
N ILE A 96 -46.37 10.96 24.95
CA ILE A 96 -46.58 10.03 26.06
C ILE A 96 -46.33 10.74 27.39
N LYS A 97 -45.35 11.65 27.42
CA LYS A 97 -45.08 12.41 28.63
C LYS A 97 -46.20 13.39 28.94
N ILE A 98 -46.79 14.00 27.91
CA ILE A 98 -47.91 14.90 28.14
C ILE A 98 -49.10 14.13 28.69
N LYS A 99 -49.32 12.92 28.17
CA LYS A 99 -50.41 12.09 28.69
C LYS A 99 -50.16 11.64 30.12
N LEU A 100 -48.91 11.34 30.46
CA LEU A 100 -48.60 10.96 31.84
C LEU A 100 -48.73 12.15 32.78
N ASP A 101 -48.32 13.33 32.33
CA ASP A 101 -48.51 14.55 33.12
C ASP A 101 -49.99 14.85 33.30
N ARG A 102 -50.81 14.55 32.29
CA ARG A 102 -52.26 14.70 32.45
C ARG A 102 -52.81 13.70 33.46
N PHE A 103 -52.32 12.46 33.42
CA PHE A 103 -52.74 11.47 34.42
C PHE A 103 -52.42 11.95 35.83
N ASN A 104 -51.20 12.48 36.03
CA ASN A 104 -50.83 12.99 37.34
C ASN A 104 -51.61 14.25 37.71
N GLU A 105 -51.94 15.08 36.72
CA GLU A 105 -52.76 16.26 36.96
C GLU A 105 -54.14 15.87 37.47
N VAL A 106 -54.78 14.91 36.80
CA VAL A 106 -56.08 14.42 37.26
C VAL A 106 -55.94 13.75 38.63
N ALA A 107 -54.83 13.05 38.86
CA ALA A 107 -54.62 12.40 40.15
C ALA A 107 -54.59 13.41 41.29
N GLU A 108 -53.84 14.50 41.11
CA GLU A 108 -53.78 15.52 42.14
C GLU A 108 -54.95 16.50 42.07
N LEU A 109 -55.83 16.38 41.08
CA LEU A 109 -57.05 17.17 41.03
C LEU A 109 -58.17 16.53 41.82
N MET A 110 -58.25 15.21 41.81
CA MET A 110 -59.27 14.46 42.54
C MET A 110 -59.09 14.56 44.05
N ALA A 111 -58.03 15.22 44.51
CA ALA A 111 -57.78 15.37 45.94
C ALA A 111 -58.45 16.60 46.53
N THR A 112 -58.67 17.65 45.74
CA THR A 112 -59.40 18.79 46.30
C THR A 112 -60.89 18.68 46.04
N ASP A 113 -61.28 18.21 44.86
CA ASP A 113 -62.68 17.89 44.58
C ASP A 113 -62.71 16.68 43.64
N TYR A 114 -63.86 16.02 43.63
CA TYR A 114 -64.08 14.87 42.77
C TYR A 114 -65.03 15.23 41.64
N THR A 115 -64.92 14.45 40.57
CA THR A 115 -65.86 14.49 39.46
C THR A 115 -65.79 13.14 38.78
N ASP A 116 -66.94 12.51 38.55
CA ASP A 116 -66.93 11.20 37.92
C ASP A 116 -66.40 11.25 36.48
N GLU A 117 -66.47 12.42 35.85
CA GLU A 117 -65.88 12.55 34.52
C GLU A 117 -64.37 12.44 34.60
N LEU A 118 -63.79 12.91 35.72
CA LEU A 118 -62.38 12.70 35.97
C LEU A 118 -62.07 11.23 36.20
N MET A 119 -63.00 10.48 36.81
CA MET A 119 -62.78 9.06 37.02
C MET A 119 -62.74 8.29 35.69
N GLU A 120 -63.67 8.58 34.78
CA GLU A 120 -63.61 7.87 33.50
C GLU A 120 -62.42 8.33 32.66
N GLU A 121 -62.08 9.63 32.68
CA GLU A 121 -60.85 10.03 31.98
C GLU A 121 -59.62 9.34 32.54
N MET A 122 -59.53 9.20 33.86
CA MET A 122 -58.40 8.51 34.45
C MET A 122 -58.35 7.05 34.02
N GLY A 123 -59.50 6.37 33.99
CA GLY A 123 -59.50 4.99 33.54
C GLY A 123 -59.07 4.84 32.08
N ARG A 124 -59.59 5.74 31.23
CA ARG A 124 -59.20 5.68 29.82
C ARG A 124 -57.70 5.93 29.66
N LEU A 125 -57.17 6.91 30.40
CA LEU A 125 -55.74 7.17 30.38
C LEU A 125 -54.94 5.95 30.86
N GLN A 126 -55.40 5.31 31.93
CA GLN A 126 -54.72 4.14 32.48
C GLN A 126 -54.61 3.04 31.43
N GLU A 127 -55.66 2.83 30.64
CA GLU A 127 -55.60 1.77 29.63
C GLU A 127 -54.45 2.00 28.66
N GLU A 128 -54.36 3.20 28.07
CA GLU A 128 -53.29 3.49 27.12
C GLU A 128 -51.92 3.50 27.78
N LEU A 129 -51.81 4.09 28.97
CA LEU A 129 -50.51 4.22 29.60
C LEU A 129 -49.98 2.88 30.09
N ASP A 130 -50.85 1.95 30.43
CA ASP A 130 -50.39 0.62 30.84
C ASP A 130 -50.16 -0.34 29.68
N HIS A 131 -51.07 -0.40 28.69
CA HIS A 131 -50.88 -1.39 27.63
C HIS A 131 -49.85 -0.99 26.58
N ALA A 132 -49.88 0.25 26.11
CA ALA A 132 -49.04 0.63 24.98
C ALA A 132 -47.87 1.50 25.41
N ASP A 133 -47.79 1.79 26.70
CA ASP A 133 -46.76 2.57 27.32
C ASP A 133 -46.32 1.84 28.58
N ALA A 134 -45.34 2.39 29.27
CA ALA A 134 -44.84 1.82 30.51
C ALA A 134 -44.73 2.92 31.53
N TRP A 135 -45.12 2.63 32.76
CA TRP A 135 -45.11 3.65 33.79
C TRP A 135 -43.68 4.01 34.19
N ASP A 136 -42.77 3.03 34.11
CA ASP A 136 -41.34 3.17 34.37
C ASP A 136 -40.59 4.09 33.41
N LEU A 137 -41.27 4.66 32.42
CA LEU A 137 -40.58 5.59 31.51
C LEU A 137 -40.05 6.81 32.27
N ASP A 138 -40.81 7.33 33.22
CA ASP A 138 -40.32 8.42 34.05
C ASP A 138 -39.17 7.97 34.94
N ALA A 139 -39.25 6.73 35.43
CA ALA A 139 -38.17 6.18 36.22
C ALA A 139 -36.87 6.11 35.42
N GLN A 140 -36.93 5.61 34.18
CA GLN A 140 -35.72 5.57 33.35
C GLN A 140 -35.24 6.96 32.96
N LEU A 141 -36.16 7.93 32.82
CA LEU A 141 -35.73 9.32 32.62
C LEU A 141 -34.85 9.78 33.79
N GLU A 142 -35.30 9.54 35.01
CA GLU A 142 -34.51 9.92 36.18
C GLU A 142 -33.20 9.12 36.24
N GLN A 143 -33.27 7.82 35.91
CA GLN A 143 -32.08 6.98 35.89
C GLN A 143 -31.04 7.51 34.93
N ALA A 144 -31.49 8.00 33.77
CA ALA A 144 -30.56 8.56 32.80
C ALA A 144 -29.96 9.86 33.30
N MET A 145 -30.80 10.77 33.81
CA MET A 145 -30.27 12.04 34.31
C MET A 145 -29.28 11.81 35.46
N ASP A 146 -29.54 10.81 36.31
CA ASP A 146 -28.62 10.53 37.41
C ASP A 146 -27.33 9.89 36.91
N ALA A 147 -27.46 8.85 36.08
CA ALA A 147 -26.29 8.07 35.65
C ALA A 147 -25.39 8.89 34.74
N LEU A 148 -25.98 9.73 33.88
CA LEU A 148 -25.17 10.60 33.03
C LEU A 148 -24.65 11.81 33.79
N ARG A 149 -25.00 11.93 35.07
CA ARG A 149 -24.59 13.03 35.93
C ARG A 149 -25.00 14.38 35.31
N CYS A 150 -26.29 14.47 34.96
CA CYS A 150 -26.86 15.71 34.47
C CYS A 150 -26.83 16.79 35.54
N PRO A 151 -26.91 18.05 35.14
CA PRO A 151 -27.05 19.14 36.12
C PRO A 151 -28.35 18.98 36.90
N PRO A 152 -28.51 19.74 37.98
CA PRO A 152 -29.77 19.67 38.74
C PRO A 152 -30.99 19.85 37.85
N ALA A 153 -31.97 18.96 38.03
CA ALA A 153 -33.11 18.84 37.13
C ALA A 153 -33.94 20.11 37.05
N ASP A 154 -33.73 21.08 37.92
CA ASP A 154 -34.55 22.28 37.97
C ASP A 154 -33.80 23.54 37.58
N GLU A 155 -32.59 23.39 37.01
CA GLU A 155 -31.77 24.51 36.57
C GLU A 155 -32.18 24.99 35.18
N PRO A 156 -32.21 26.29 34.95
CA PRO A 156 -32.39 26.81 33.60
C PRO A 156 -31.15 26.55 32.76
N VAL A 157 -31.38 26.10 31.52
CA VAL A 157 -30.30 25.61 30.66
C VAL A 157 -29.47 26.75 30.08
N THR A 158 -29.83 28.00 30.38
CA THR A 158 -29.02 29.12 29.91
C THR A 158 -27.67 29.21 30.62
N ASN A 159 -27.65 28.91 31.92
CA ASN A 159 -26.42 29.03 32.72
C ASN A 159 -25.48 27.84 32.56
N LEU A 160 -25.91 26.76 31.93
CA LEU A 160 -25.12 25.55 31.85
C LEU A 160 -23.86 25.75 31.01
N SER A 161 -22.80 25.09 31.42
CA SER A 161 -21.55 25.06 30.68
C SER A 161 -21.68 24.09 29.49
N GLY A 162 -20.65 24.10 28.64
CA GLY A 162 -20.67 23.24 27.48
C GLY A 162 -20.82 21.77 27.84
N GLY A 163 -20.16 21.34 28.91
CA GLY A 163 -20.28 19.95 29.34
C GLY A 163 -21.66 19.60 29.86
N GLU A 164 -22.23 20.47 30.71
CA GLU A 164 -23.57 20.22 31.21
C GLU A 164 -24.59 20.26 30.08
N ARG A 165 -24.44 21.20 29.14
CA ARG A 165 -25.31 21.22 27.96
C ARG A 165 -25.19 19.93 27.17
N ARG A 166 -23.96 19.42 27.01
CA ARG A 166 -23.75 18.18 26.28
C ARG A 166 -24.44 17.01 26.98
N ARG A 167 -24.32 16.93 28.30
CA ARG A 167 -24.95 15.85 29.04
C ARG A 167 -26.47 15.93 28.95
N VAL A 168 -27.03 17.14 29.05
CA VAL A 168 -28.48 17.30 28.90
C VAL A 168 -28.93 16.88 27.51
N ALA A 169 -28.18 17.27 26.48
CA ALA A 169 -28.52 16.89 25.11
C ALA A 169 -28.49 15.38 24.93
N LEU A 170 -27.46 14.72 25.45
CA LEU A 170 -27.38 13.27 25.36
C LEU A 170 -28.54 12.60 26.07
N CYS A 171 -28.91 13.09 27.25
CA CYS A 171 -30.04 12.51 27.98
C CYS A 171 -31.33 12.65 27.18
N LYS A 172 -31.61 13.87 26.69
CA LYS A 172 -32.78 14.11 25.84
C LYS A 172 -32.81 13.16 24.65
N LEU A 173 -31.67 13.02 23.98
CA LEU A 173 -31.60 12.17 22.80
C LEU A 173 -31.86 10.71 23.14
N LEU A 174 -31.25 10.21 24.22
CA LEU A 174 -31.46 8.81 24.62
C LEU A 174 -32.92 8.55 24.95
N LEU A 175 -33.59 9.52 25.59
CA LEU A 175 -34.99 9.29 25.94
C LEU A 175 -35.95 9.52 24.79
N SER A 176 -35.52 10.22 23.73
CA SER A 176 -36.38 10.34 22.56
C SER A 176 -36.45 9.06 21.75
N LYS A 177 -35.55 8.10 22.00
CA LYS A 177 -35.54 6.76 21.42
C LYS A 177 -35.85 6.76 19.91
N PRO A 178 -35.00 7.39 19.09
CA PRO A 178 -35.21 7.35 17.64
C PRO A 178 -34.93 5.98 17.03
N ASP A 179 -35.40 5.81 15.79
CA ASP A 179 -35.15 4.55 15.09
C ASP A 179 -33.73 4.47 14.57
N LEU A 180 -33.13 5.61 14.21
CA LEU A 180 -31.72 5.68 13.85
C LEU A 180 -31.05 6.66 14.81
N LEU A 181 -30.11 6.18 15.60
CA LEU A 181 -29.43 6.99 16.60
C LEU A 181 -28.00 7.23 16.12
N LEU A 182 -27.65 8.51 15.95
CA LEU A 182 -26.35 8.92 15.43
C LEU A 182 -25.61 9.68 16.50
N LEU A 183 -24.43 9.18 16.88
CA LEU A 183 -23.66 9.74 17.98
C LEU A 183 -22.29 10.13 17.48
N ASP A 184 -21.95 11.41 17.61
CA ASP A 184 -20.64 11.93 17.19
C ASP A 184 -19.84 12.19 18.46
N GLU A 185 -18.89 11.30 18.74
CA GLU A 185 -18.06 11.34 19.94
C GLU A 185 -18.90 11.34 21.21
N PRO A 186 -19.70 10.29 21.45
CA PRO A 186 -20.65 10.33 22.57
C PRO A 186 -20.00 10.30 23.95
N THR A 187 -18.78 9.79 24.09
CA THR A 187 -18.14 9.73 25.41
C THR A 187 -17.57 11.07 25.84
N ASN A 188 -17.70 12.12 25.02
CA ASN A 188 -17.22 13.44 25.40
C ASN A 188 -17.95 13.97 26.62
N HIS A 189 -17.18 14.50 27.57
CA HIS A 189 -17.69 15.09 28.81
C HIS A 189 -18.37 14.05 29.71
N LEU A 190 -18.06 12.77 29.54
CA LEU A 190 -18.53 11.72 30.41
C LEU A 190 -17.38 11.13 31.21
N ASP A 191 -17.61 10.88 32.50
CA ASP A 191 -16.63 10.15 33.28
C ASP A 191 -16.75 8.65 33.01
N ALA A 192 -15.74 7.90 33.45
CA ALA A 192 -15.64 6.48 33.10
C ALA A 192 -16.88 5.71 33.53
N GLU A 193 -17.42 6.00 34.72
CA GLU A 193 -18.62 5.29 35.16
C GLU A 193 -19.83 5.68 34.32
N SER A 194 -19.92 6.95 33.92
CA SER A 194 -20.98 7.37 33.01
C SER A 194 -20.85 6.67 31.66
N VAL A 195 -19.62 6.51 31.17
CA VAL A 195 -19.42 5.79 29.91
C VAL A 195 -19.80 4.32 30.06
N GLN A 196 -19.48 3.72 31.21
CA GLN A 196 -19.90 2.35 31.47
C GLN A 196 -21.42 2.23 31.40
N TRP A 197 -22.12 3.15 32.05
CA TRP A 197 -23.58 3.11 32.01
C TRP A 197 -24.10 3.32 30.59
N LEU A 198 -23.48 4.23 29.85
CA LEU A 198 -23.94 4.50 28.48
C LEU A 198 -23.73 3.28 27.58
N GLU A 199 -22.61 2.58 27.75
CA GLU A 199 -22.37 1.38 26.96
C GLU A 199 -23.38 0.29 27.29
N GLN A 200 -23.62 0.05 28.58
CA GLN A 200 -24.61 -0.97 28.94
C GLN A 200 -26.00 -0.58 28.48
N HIS A 201 -26.31 0.72 28.46
CA HIS A 201 -27.62 1.16 28.00
C HIS A 201 -27.77 0.97 26.49
N LEU A 202 -26.75 1.34 25.73
CA LEU A 202 -26.81 1.21 24.27
C LEU A 202 -26.69 -0.22 23.80
N ALA A 203 -26.15 -1.13 24.63
CA ALA A 203 -26.10 -2.53 24.25
C ALA A 203 -27.50 -3.12 24.09
N SER A 204 -28.42 -2.76 24.99
CA SER A 204 -29.80 -3.22 24.93
C SER A 204 -30.70 -2.29 24.11
N TYR A 205 -30.12 -1.26 23.50
CA TYR A 205 -30.91 -0.29 22.75
C TYR A 205 -31.57 -0.97 21.55
N PRO A 206 -32.85 -0.68 21.27
CA PRO A 206 -33.57 -1.40 20.19
C PRO A 206 -33.22 -0.89 18.80
N GLY A 207 -33.14 0.42 18.62
CA GLY A 207 -32.91 0.99 17.32
C GLY A 207 -31.49 0.79 16.82
N ALA A 208 -31.24 1.29 15.62
CA ALA A 208 -29.92 1.22 15.02
C ALA A 208 -29.06 2.39 15.50
N ILE A 209 -27.75 2.14 15.61
CA ILE A 209 -26.81 3.12 16.14
C ILE A 209 -25.63 3.23 15.18
N LEU A 210 -25.28 4.47 14.82
CA LEU A 210 -24.00 4.80 14.23
C LEU A 210 -23.26 5.69 15.23
N ALA A 211 -22.21 5.15 15.83
CA ALA A 211 -21.45 5.86 16.86
C ALA A 211 -20.04 6.08 16.37
N VAL A 212 -19.66 7.35 16.20
CA VAL A 212 -18.30 7.74 15.87
C VAL A 212 -17.55 7.93 17.18
N THR A 213 -16.69 6.98 17.53
CA THR A 213 -15.98 7.07 18.79
C THR A 213 -14.69 6.27 18.72
N HIS A 214 -13.70 6.73 19.48
CA HIS A 214 -12.46 5.99 19.68
C HIS A 214 -12.50 5.14 20.94
N ASP A 215 -13.66 5.05 21.58
CA ASP A 215 -13.81 4.27 22.81
C ASP A 215 -13.87 2.79 22.43
N ARG A 216 -12.79 2.07 22.68
CA ARG A 216 -12.65 0.72 22.14
C ARG A 216 -13.54 -0.29 22.85
N TYR A 217 -13.81 -0.09 24.15
CA TYR A 217 -14.78 -0.96 24.81
C TYR A 217 -16.16 -0.80 24.18
N PHE A 218 -16.51 0.42 23.75
CA PHE A 218 -17.74 0.60 22.98
C PHE A 218 -17.70 -0.20 21.68
N LEU A 219 -16.60 -0.09 20.94
CA LEU A 219 -16.49 -0.78 19.66
C LEU A 219 -16.46 -2.29 19.82
N ASP A 220 -16.07 -2.79 21.00
CA ASP A 220 -16.00 -4.22 21.24
C ASP A 220 -17.28 -4.79 21.83
N ASN A 221 -18.06 -3.99 22.57
CA ASN A 221 -19.22 -4.50 23.27
C ASN A 221 -20.56 -4.07 22.67
N VAL A 222 -20.57 -3.13 21.74
CA VAL A 222 -21.80 -2.65 21.11
C VAL A 222 -21.78 -2.86 19.61
N ALA A 223 -20.66 -2.59 18.95
CA ALA A 223 -20.62 -2.60 17.51
C ALA A 223 -20.72 -4.01 16.95
N GLU A 224 -21.55 -4.15 15.92
CA GLU A 224 -21.57 -5.34 15.08
C GLU A 224 -20.79 -5.15 13.79
N TRP A 225 -20.60 -3.90 13.37
CA TRP A 225 -19.77 -3.57 12.23
C TRP A 225 -18.81 -2.45 12.64
N ILE A 226 -17.63 -2.45 12.04
CA ILE A 226 -16.66 -1.38 12.21
C ILE A 226 -16.50 -0.69 10.86
N LEU A 227 -16.96 0.55 10.77
CA LEU A 227 -16.90 1.32 9.53
C LEU A 227 -15.68 2.23 9.58
N GLU A 228 -14.65 1.88 8.81
CA GLU A 228 -13.42 2.66 8.77
C GLU A 228 -13.47 3.63 7.60
N LEU A 229 -13.28 4.91 7.90
CA LEU A 229 -13.27 5.97 6.88
C LEU A 229 -11.85 6.43 6.63
N ASP A 230 -11.54 6.70 5.37
CA ASP A 230 -10.20 7.15 4.99
C ASP A 230 -10.33 8.02 3.75
N ARG A 231 -10.03 9.31 3.89
CA ARG A 231 -10.07 10.29 2.81
C ARG A 231 -11.33 10.14 1.95
N GLY A 232 -12.47 10.04 2.62
CA GLY A 232 -13.75 9.99 1.94
C GLY A 232 -14.21 8.61 1.52
N ARG A 233 -13.35 7.59 1.64
CA ARG A 233 -13.73 6.22 1.32
C ARG A 233 -14.24 5.51 2.57
N ALA A 234 -15.17 4.58 2.38
CA ALA A 234 -15.81 3.86 3.48
C ALA A 234 -15.52 2.38 3.34
N TYR A 235 -14.93 1.80 4.38
CA TYR A 235 -14.58 0.37 4.38
C TYR A 235 -15.31 -0.33 5.53
N PRO A 236 -16.36 -1.08 5.24
CA PRO A 236 -17.03 -1.83 6.32
C PRO A 236 -16.30 -3.11 6.64
N TYR A 237 -16.14 -3.37 7.94
CA TYR A 237 -15.59 -4.63 8.45
C TYR A 237 -16.61 -5.26 9.37
N GLU A 238 -17.00 -6.50 9.05
CA GLU A 238 -17.99 -7.22 9.84
C GLU A 238 -17.37 -7.72 11.13
N GLY A 239 -18.06 -7.49 12.24
CA GLY A 239 -17.58 -7.88 13.55
C GLY A 239 -17.36 -6.68 14.45
N ASN A 240 -17.01 -6.99 15.69
CA ASN A 240 -16.73 -5.97 16.69
C ASN A 240 -15.27 -5.53 16.58
N TYR A 241 -14.79 -4.82 17.60
CA TYR A 241 -13.43 -4.28 17.57
C TYR A 241 -12.38 -5.39 17.56
N SER A 242 -12.62 -6.47 18.31
CA SER A 242 -11.66 -7.57 18.33
C SER A 242 -11.53 -8.21 16.95
N THR A 243 -12.65 -8.43 16.27
CA THR A 243 -12.59 -8.97 14.91
C THR A 243 -11.89 -8.01 13.97
N TYR A 244 -12.13 -6.71 14.15
CA TYR A 244 -11.47 -5.71 13.32
C TYR A 244 -9.96 -5.76 13.50
N LEU A 245 -9.50 -5.86 14.76
CA LEU A 245 -8.07 -6.01 15.04
C LEU A 245 -7.52 -7.27 14.39
N GLU A 246 -8.24 -8.39 14.54
CA GLU A 246 -7.81 -9.65 13.95
C GLU A 246 -7.60 -9.50 12.45
N LYS A 247 -8.59 -8.93 11.77
CA LYS A 247 -8.53 -8.79 10.32
C LYS A 247 -7.40 -7.86 9.89
N LYS A 248 -7.21 -6.75 10.62
CA LYS A 248 -6.14 -5.82 10.28
C LYS A 248 -4.78 -6.48 10.42
N ALA A 249 -4.57 -7.19 11.53
CA ALA A 249 -3.29 -7.86 11.74
C ALA A 249 -3.04 -8.94 10.69
N GLU A 250 -4.07 -9.69 10.31
CA GLU A 250 -3.86 -10.75 9.33
C GLU A 250 -3.59 -10.20 7.93
N ARG A 251 -4.32 -9.17 7.50
CA ARG A 251 -4.02 -8.61 6.18
C ARG A 251 -2.65 -7.95 6.17
N LEU A 252 -2.25 -7.34 7.29
CA LEU A 252 -0.89 -6.83 7.40
C LEU A 252 0.13 -7.96 7.24
N ALA A 253 -0.14 -9.12 7.87
CA ALA A 253 0.77 -10.26 7.74
C ALA A 253 0.86 -10.73 6.30
N VAL A 254 -0.28 -10.76 5.60
CA VAL A 254 -0.29 -11.18 4.20
C VAL A 254 0.56 -10.23 3.37
N GLN A 255 0.34 -8.92 3.53
CA GLN A 255 1.15 -7.93 2.81
C GLN A 255 2.63 -8.07 3.14
N GLY A 256 2.95 -8.41 4.39
CA GLY A 256 4.35 -8.57 4.76
C GLY A 256 5.01 -9.76 4.10
N ARG A 257 4.29 -10.90 4.05
CA ARG A 257 4.82 -12.06 3.33
C ARG A 257 5.01 -11.76 1.85
N LYS A 258 4.06 -11.02 1.25
CA LYS A 258 4.20 -10.61 -0.15
C LYS A 258 5.46 -9.78 -0.35
N ASP A 259 5.68 -8.78 0.50
CA ASP A 259 6.85 -7.91 0.35
C ASP A 259 8.14 -8.67 0.60
N ALA A 260 8.14 -9.66 1.51
CA ALA A 260 9.34 -10.45 1.73
C ALA A 260 9.67 -11.31 0.52
N LYS A 261 8.64 -11.88 -0.11
CA LYS A 261 8.84 -12.61 -1.37
C LYS A 261 9.50 -11.72 -2.41
N LEU A 262 8.94 -10.52 -2.63
CA LEU A 262 9.51 -9.63 -3.65
C LEU A 262 10.93 -9.21 -3.28
N GLN A 263 11.21 -9.01 -2.00
CA GLN A 263 12.56 -8.63 -1.58
C GLN A 263 13.54 -9.74 -1.87
N LYS A 264 13.17 -10.99 -1.58
CA LYS A 264 14.07 -12.11 -1.85
C LYS A 264 14.33 -12.25 -3.34
N ARG A 265 13.31 -12.04 -4.19
CA ARG A 265 13.59 -12.11 -5.62
C ARG A 265 14.58 -11.01 -6.03
N LEU A 266 14.40 -9.81 -5.50
CA LEU A 266 15.29 -8.71 -5.86
C LEU A 266 16.72 -9.00 -5.44
N THR A 267 16.92 -9.54 -4.22
CA THR A 267 18.27 -9.80 -3.77
C THR A 267 18.92 -10.95 -4.53
N GLU A 268 18.15 -12.00 -4.85
CA GLU A 268 18.74 -13.09 -5.63
C GLU A 268 19.13 -12.62 -7.03
N GLU A 269 18.30 -11.78 -7.66
CA GLU A 269 18.64 -11.29 -8.99
C GLU A 269 19.86 -10.38 -8.92
N LEU A 270 19.94 -9.53 -7.90
CA LEU A 270 21.11 -8.66 -7.73
C LEU A 270 22.37 -9.49 -7.54
N ALA A 271 22.31 -10.50 -6.66
CA ALA A 271 23.45 -11.38 -6.46
C ALA A 271 23.89 -12.02 -7.76
N TRP A 272 22.94 -12.45 -8.60
CA TRP A 272 23.33 -13.05 -9.87
C TRP A 272 24.03 -12.05 -10.78
N VAL A 273 23.43 -10.87 -10.97
CA VAL A 273 24.01 -9.91 -11.91
C VAL A 273 25.35 -9.38 -11.41
N ARG A 274 25.55 -9.30 -10.09
CA ARG A 274 26.80 -8.79 -9.55
C ARG A 274 27.95 -9.78 -9.66
N SER A 275 27.68 -10.99 -10.11
CA SER A 275 28.71 -12.00 -10.27
C SER A 275 29.44 -11.78 -11.59
N GLY A 276 30.61 -12.38 -11.73
CA GLY A 276 31.36 -12.26 -12.96
C GLY A 276 30.69 -13.05 -14.07
N ALA A 277 31.29 -13.00 -15.26
CA ALA A 277 30.69 -13.71 -16.38
C ALA A 277 30.78 -15.22 -16.18
N LYS A 278 31.88 -15.69 -15.59
CA LYS A 278 32.04 -17.11 -15.30
C LYS A 278 31.08 -17.56 -14.21
N ALA A 279 31.01 -16.79 -13.11
CA ALA A 279 30.21 -17.18 -11.96
C ALA A 279 28.72 -17.25 -12.28
N ARG A 280 28.25 -16.45 -13.25
CA ARG A 280 26.84 -16.48 -13.63
C ARG A 280 26.43 -17.85 -14.16
N GLN A 281 27.36 -18.54 -14.83
CA GLN A 281 27.19 -19.87 -15.41
C GLN A 281 27.15 -21.00 -14.39
N ALA A 282 27.62 -20.76 -13.16
CA ALA A 282 27.74 -21.82 -12.15
C ALA A 282 26.45 -22.61 -11.94
N LYS A 283 25.32 -21.93 -11.82
CA LYS A 283 24.08 -22.65 -11.53
C LYS A 283 23.67 -23.54 -12.70
N SER A 284 23.79 -23.05 -13.93
CA SER A 284 23.42 -23.86 -15.08
C SER A 284 24.42 -24.98 -15.34
N LYS A 285 25.72 -24.68 -15.19
CA LYS A 285 26.75 -25.69 -15.42
C LYS A 285 26.67 -26.83 -14.41
N ALA A 286 26.26 -26.53 -13.17
CA ALA A 286 26.09 -27.56 -12.16
C ALA A 286 25.07 -28.60 -12.59
N ARG A 287 24.02 -28.17 -13.30
CA ARG A 287 23.00 -29.10 -13.80
C ARG A 287 23.60 -30.26 -14.58
N LEU A 288 24.64 -30.00 -15.37
CA LEU A 288 25.18 -31.02 -16.25
C LEU A 288 25.75 -32.22 -15.49
N GLN A 289 26.17 -32.05 -14.24
CA GLN A 289 26.71 -33.15 -13.45
C GLN A 289 25.77 -33.64 -12.36
N ARG A 290 24.51 -33.20 -12.34
CA ARG A 290 23.64 -33.51 -11.21
C ARG A 290 22.23 -33.84 -11.68
N TYR A 291 22.10 -34.67 -12.72
CA TYR A 291 20.76 -35.08 -13.10
C TYR A 291 20.16 -36.00 -12.05
N GLU A 292 20.96 -36.94 -11.51
CA GLU A 292 20.42 -37.96 -10.64
C GLU A 292 20.00 -37.40 -9.30
N GLU A 293 20.81 -36.50 -8.73
CA GLU A 293 20.43 -35.84 -7.49
C GLU A 293 19.19 -34.98 -7.68
N MET A 294 19.14 -34.21 -8.77
CA MET A 294 18.00 -33.34 -9.03
C MET A 294 16.72 -34.14 -9.23
N ALA A 295 16.82 -35.27 -9.94
CA ALA A 295 15.65 -36.13 -10.15
C ALA A 295 15.21 -36.78 -8.85
N ALA A 296 16.16 -37.28 -8.05
CA ALA A 296 15.81 -37.85 -6.75
C ALA A 296 15.10 -36.84 -5.87
N GLU A 297 15.57 -35.59 -5.88
CA GLU A 297 14.91 -34.55 -5.08
C GLU A 297 13.52 -34.23 -5.61
N ALA A 298 13.41 -34.00 -6.92
CA ALA A 298 12.12 -33.57 -7.46
C ALA A 298 11.06 -34.66 -7.35
N GLU A 299 11.46 -35.92 -7.37
CA GLU A 299 10.49 -37.00 -7.25
C GLU A 299 10.12 -37.34 -5.81
N LYS A 300 10.63 -36.60 -4.82
CA LYS A 300 10.13 -36.67 -3.47
C LYS A 300 8.95 -35.73 -3.33
N THR A 301 7.91 -36.15 -2.62
CA THR A 301 6.71 -35.33 -2.50
C THR A 301 6.93 -34.22 -1.49
N ARG A 302 6.68 -32.98 -1.92
CA ARG A 302 6.74 -31.82 -1.06
C ARG A 302 5.64 -30.85 -1.47
N LYS A 303 5.44 -29.82 -0.65
CA LYS A 303 4.54 -28.74 -1.03
C LYS A 303 5.27 -27.77 -1.97
N LEU A 304 4.50 -27.13 -2.84
CA LEU A 304 5.05 -26.24 -3.87
C LEU A 304 4.32 -24.92 -3.86
N ASP A 305 5.07 -23.83 -3.93
CA ASP A 305 4.50 -22.50 -4.16
C ASP A 305 4.06 -22.38 -5.60
N PHE A 306 2.75 -22.52 -5.83
CA PHE A 306 2.20 -22.50 -7.18
C PHE A 306 1.90 -21.08 -7.67
N GLU A 307 2.17 -20.07 -6.85
CA GLU A 307 2.13 -18.69 -7.30
C GLU A 307 3.35 -18.33 -8.13
N GLU A 308 4.41 -19.13 -8.03
CA GLU A 308 5.56 -19.01 -8.90
C GLU A 308 5.45 -20.06 -9.99
N ILE A 309 6.19 -19.85 -11.07
CA ILE A 309 6.18 -20.81 -12.17
C ILE A 309 6.70 -22.14 -11.66
N GLN A 310 5.93 -23.20 -11.90
CA GLN A 310 6.36 -24.54 -11.53
C GLN A 310 6.19 -25.45 -12.73
N ILE A 311 7.22 -26.26 -12.98
CA ILE A 311 7.22 -27.26 -14.05
C ILE A 311 7.17 -28.63 -13.39
N PRO A 312 6.05 -29.35 -13.45
CA PRO A 312 6.01 -30.68 -12.83
C PRO A 312 7.01 -31.60 -13.50
N VAL A 313 7.77 -32.34 -12.68
CA VAL A 313 8.76 -33.25 -13.21
C VAL A 313 8.08 -34.33 -14.03
N GLY A 314 8.71 -34.71 -15.14
CA GLY A 314 8.18 -35.76 -15.98
C GLY A 314 8.93 -37.06 -15.79
N PRO A 315 8.79 -37.97 -16.76
CA PRO A 315 9.52 -39.23 -16.67
C PRO A 315 11.03 -39.02 -16.68
N ARG A 316 11.74 -39.98 -16.11
CA ARG A 316 13.20 -39.93 -16.09
C ARG A 316 13.78 -40.05 -17.50
N LEU A 317 14.89 -39.36 -17.71
CA LEU A 317 15.59 -39.34 -18.99
C LEU A 317 16.72 -40.36 -18.99
N GLY A 318 16.94 -40.98 -20.15
CA GLY A 318 18.13 -41.77 -20.37
C GLY A 318 19.27 -40.89 -20.84
N ASN A 319 20.43 -41.53 -21.06
CA ASN A 319 21.61 -40.78 -21.46
C ASN A 319 21.44 -40.16 -22.84
N VAL A 320 20.70 -40.82 -23.73
CA VAL A 320 20.51 -40.33 -25.09
C VAL A 320 19.23 -39.50 -25.13
N VAL A 321 19.36 -38.20 -25.38
CA VAL A 321 18.21 -37.31 -25.42
C VAL A 321 17.88 -36.99 -26.88
N VAL A 322 18.68 -36.13 -27.51
CA VAL A 322 18.51 -35.77 -28.91
C VAL A 322 19.85 -35.86 -29.61
N GLU A 323 19.88 -36.60 -30.72
CA GLU A 323 21.08 -36.74 -31.55
C GLU A 323 20.76 -36.30 -32.98
N VAL A 324 21.42 -35.24 -33.42
CA VAL A 324 21.29 -34.72 -34.78
C VAL A 324 22.61 -34.94 -35.49
N ASP A 325 22.57 -35.60 -36.65
CA ASP A 325 23.78 -35.99 -37.37
C ASP A 325 23.65 -35.59 -38.83
N HIS A 326 24.55 -34.71 -39.29
CA HIS A 326 24.62 -34.26 -40.69
C HIS A 326 23.25 -33.85 -41.22
N LEU A 327 22.56 -33.04 -40.44
CA LEU A 327 21.21 -32.59 -40.80
C LEU A 327 21.27 -31.57 -41.94
N ASP A 328 20.53 -31.86 -43.01
CA ASP A 328 20.25 -30.90 -44.07
C ASP A 328 18.74 -30.71 -44.13
N LYS A 329 18.30 -29.46 -44.15
CA LYS A 329 16.86 -29.18 -44.13
C LYS A 329 16.59 -27.84 -44.77
N GLY A 330 15.55 -27.78 -45.58
CA GLY A 330 15.16 -26.54 -46.22
C GLY A 330 13.79 -26.68 -46.84
N TYR A 331 13.38 -25.61 -47.53
CA TYR A 331 12.09 -25.57 -48.21
C TYR A 331 12.33 -25.01 -49.61
N ASP A 332 11.80 -25.71 -50.61
CA ASP A 332 11.99 -25.37 -52.03
C ASP A 332 13.50 -25.41 -52.30
N GLY A 333 14.04 -24.43 -53.02
CA GLY A 333 15.45 -24.39 -53.35
C GLY A 333 16.34 -23.71 -52.32
N ARG A 334 15.76 -23.28 -51.19
CA ARG A 334 16.48 -22.56 -50.15
C ARG A 334 16.75 -23.49 -48.98
N ALA A 335 18.03 -23.66 -48.64
CA ALA A 335 18.43 -24.43 -47.48
C ALA A 335 18.45 -23.55 -46.23
N LEU A 336 17.92 -24.08 -45.14
CA LEU A 336 17.94 -23.43 -43.83
C LEU A 336 19.03 -23.97 -42.92
N ILE A 337 19.28 -25.28 -42.97
CA ILE A 337 20.30 -25.94 -42.16
C ILE A 337 21.10 -26.87 -43.08
N LYS A 338 22.43 -26.81 -42.97
CA LYS A 338 23.29 -27.70 -43.77
C LYS A 338 24.40 -28.27 -42.90
N ASP A 339 24.47 -29.61 -42.84
CA ASP A 339 25.56 -30.32 -42.18
C ASP A 339 25.68 -29.96 -40.70
N LEU A 340 24.53 -29.88 -40.02
CA LEU A 340 24.51 -29.62 -38.58
C LEU A 340 24.49 -30.93 -37.81
N SER A 341 25.41 -31.07 -36.86
CA SER A 341 25.46 -32.22 -35.97
C SER A 341 25.65 -31.75 -34.53
N PHE A 342 24.85 -32.30 -33.62
CA PHE A 342 25.07 -32.05 -32.20
C PHE A 342 24.44 -33.16 -31.39
N SER A 343 24.90 -33.29 -30.14
CA SER A 343 24.29 -34.15 -29.13
C SER A 343 23.82 -33.29 -27.97
N LEU A 344 22.58 -33.52 -27.53
CA LEU A 344 22.01 -32.80 -26.39
C LEU A 344 22.25 -33.61 -25.12
N PRO A 345 23.05 -33.13 -24.18
CA PRO A 345 23.26 -33.88 -22.94
C PRO A 345 22.03 -33.81 -22.05
N ARG A 346 21.89 -34.84 -21.21
CA ARG A 346 20.83 -34.82 -20.21
C ARG A 346 21.04 -33.66 -19.26
N ASN A 347 19.94 -33.03 -18.87
CA ASN A 347 19.92 -31.83 -18.03
C ASN A 347 20.46 -30.59 -18.76
N GLY A 348 20.53 -30.64 -20.09
CA GLY A 348 21.06 -29.53 -20.87
C GLY A 348 19.96 -28.55 -21.29
N ILE A 349 20.29 -27.26 -21.26
CA ILE A 349 19.39 -26.21 -21.69
C ILE A 349 20.05 -25.47 -22.85
N VAL A 350 19.43 -25.55 -24.02
CA VAL A 350 20.01 -25.04 -25.27
C VAL A 350 19.29 -23.76 -25.67
N GLY A 351 20.05 -22.69 -25.84
CA GLY A 351 19.51 -21.47 -26.41
C GLY A 351 19.74 -21.40 -27.90
N VAL A 352 18.65 -21.28 -28.67
CA VAL A 352 18.74 -21.18 -30.12
C VAL A 352 18.60 -19.71 -30.50
N ILE A 353 19.62 -19.19 -31.18
CA ILE A 353 19.65 -17.78 -31.55
C ILE A 353 19.92 -17.63 -33.04
N GLY A 354 19.37 -16.57 -33.61
CA GLY A 354 19.55 -16.22 -34.99
C GLY A 354 18.49 -15.21 -35.40
N PRO A 355 18.73 -14.49 -36.49
CA PRO A 355 17.73 -13.51 -36.95
C PRO A 355 16.43 -14.17 -37.40
N ASN A 356 15.46 -13.35 -37.77
CA ASN A 356 14.14 -13.87 -38.15
C ASN A 356 14.23 -14.62 -39.47
N GLY A 357 13.67 -15.83 -39.47
CA GLY A 357 13.50 -16.59 -40.70
C GLY A 357 14.67 -17.43 -41.13
N VAL A 358 15.55 -17.82 -40.22
CA VAL A 358 16.71 -18.63 -40.58
C VAL A 358 16.50 -20.12 -40.33
N GLY A 359 15.46 -20.49 -39.59
CA GLY A 359 15.15 -21.91 -39.45
C GLY A 359 15.01 -22.42 -38.03
N LYS A 360 14.75 -21.53 -37.09
CA LYS A 360 14.68 -21.93 -35.69
C LYS A 360 13.42 -22.75 -35.42
N THR A 361 12.24 -22.24 -35.82
CA THR A 361 11.00 -22.98 -35.63
C THR A 361 10.97 -24.25 -36.48
N THR A 362 11.57 -24.22 -37.67
CA THR A 362 11.66 -25.44 -38.47
C THR A 362 12.54 -26.47 -37.79
N LEU A 363 13.61 -26.02 -37.12
CA LEU A 363 14.43 -26.93 -36.34
C LEU A 363 13.63 -27.55 -35.19
N PHE A 364 12.83 -26.72 -34.51
CA PHE A 364 11.91 -27.25 -33.50
C PHE A 364 11.02 -28.33 -34.07
N LYS A 365 10.44 -28.06 -35.24
CA LYS A 365 9.50 -28.99 -35.86
C LYS A 365 10.17 -30.28 -36.30
N THR A 366 11.44 -30.20 -36.73
CA THR A 366 12.17 -31.41 -37.04
C THR A 366 12.43 -32.23 -35.78
N ILE A 367 12.75 -31.56 -34.67
CA ILE A 367 12.98 -32.28 -33.42
C ILE A 367 11.69 -32.98 -32.97
N VAL A 368 10.57 -32.25 -32.96
CA VAL A 368 9.31 -32.85 -32.56
C VAL A 368 8.80 -33.84 -33.60
N GLY A 369 9.29 -33.75 -34.84
CA GLY A 369 8.91 -34.68 -35.88
C GLY A 369 7.80 -34.21 -36.78
N LEU A 370 7.28 -32.99 -36.58
CA LEU A 370 6.30 -32.45 -37.52
C LEU A 370 6.91 -32.25 -38.89
N GLU A 371 8.22 -32.02 -38.95
CA GLU A 371 8.98 -31.98 -40.18
C GLU A 371 10.08 -33.02 -40.14
N THR A 372 10.43 -33.54 -41.31
CA THR A 372 11.49 -34.53 -41.41
C THR A 372 12.68 -33.96 -42.16
N PRO A 373 13.89 -34.45 -41.88
CA PRO A 373 15.07 -33.93 -42.58
C PRO A 373 15.02 -34.22 -44.07
N ASP A 374 15.63 -33.32 -44.84
CA ASP A 374 15.92 -33.61 -46.24
C ASP A 374 17.16 -34.48 -46.38
N SER A 375 18.03 -34.48 -45.36
CA SER A 375 19.19 -35.35 -45.29
C SER A 375 19.63 -35.39 -43.82
N GLY A 376 20.35 -36.45 -43.47
CA GLY A 376 20.78 -36.61 -42.10
C GLY A 376 19.72 -37.28 -41.24
N SER A 377 19.96 -37.26 -39.93
CA SER A 377 19.09 -37.94 -38.98
C SER A 377 18.86 -37.08 -37.75
N VAL A 378 17.63 -37.08 -37.26
CA VAL A 378 17.28 -36.50 -35.96
C VAL A 378 16.68 -37.63 -35.13
N LYS A 379 17.40 -38.08 -34.11
CA LYS A 379 16.99 -39.18 -33.26
C LYS A 379 16.63 -38.67 -31.87
N VAL A 380 15.46 -39.07 -31.38
CA VAL A 380 14.96 -38.67 -30.07
C VAL A 380 14.93 -39.91 -29.19
N GLY A 381 15.47 -39.79 -27.98
CA GLY A 381 15.61 -40.94 -27.10
C GLY A 381 14.27 -41.55 -26.75
N GLU A 382 14.29 -42.87 -26.50
CA GLU A 382 13.08 -43.58 -26.12
C GLU A 382 12.54 -43.12 -24.78
N THR A 383 13.37 -42.52 -23.94
CA THR A 383 12.93 -41.99 -22.65
C THR A 383 12.32 -40.60 -22.76
N VAL A 384 12.32 -39.99 -23.94
CA VAL A 384 11.92 -38.59 -24.08
C VAL A 384 10.41 -38.49 -24.16
N LYS A 385 9.85 -37.54 -23.42
CA LYS A 385 8.48 -37.10 -23.56
C LYS A 385 8.50 -35.60 -23.83
N LEU A 386 7.86 -35.18 -24.92
CA LEU A 386 7.95 -33.80 -25.36
C LEU A 386 6.87 -32.94 -24.73
N SER A 387 7.28 -31.74 -24.28
CA SER A 387 6.37 -30.67 -23.89
C SER A 387 6.48 -29.58 -24.96
N TYR A 388 5.41 -29.38 -25.72
CA TYR A 388 5.46 -28.49 -26.88
C TYR A 388 4.05 -28.13 -27.32
N VAL A 389 3.85 -26.85 -27.63
CA VAL A 389 2.65 -26.37 -28.31
C VAL A 389 3.09 -25.54 -29.51
N ASP A 390 2.34 -25.65 -30.60
CA ASP A 390 2.62 -24.85 -31.78
C ASP A 390 2.51 -23.37 -31.47
N GLN A 391 3.48 -22.60 -31.95
CA GLN A 391 3.51 -21.15 -31.69
C GLN A 391 2.26 -20.46 -32.18
N ALA A 392 1.61 -20.99 -33.21
CA ALA A 392 0.41 -20.39 -33.79
C ALA A 392 -0.88 -21.00 -33.27
N ARG A 393 -0.83 -21.66 -32.11
CA ARG A 393 -2.02 -22.30 -31.56
C ARG A 393 -3.07 -21.24 -31.23
N ALA A 394 -4.30 -21.44 -31.71
CA ALA A 394 -5.36 -20.47 -31.49
C ALA A 394 -6.59 -21.08 -30.82
N GLY A 395 -7.03 -22.25 -31.26
CA GLY A 395 -8.22 -22.87 -30.70
C GLY A 395 -9.47 -22.45 -31.43
N ILE A 396 -10.31 -23.43 -31.81
CA ILE A 396 -11.49 -23.15 -32.60
C ILE A 396 -12.70 -22.70 -31.79
N ASP A 397 -12.67 -22.82 -30.47
CA ASP A 397 -13.81 -22.37 -29.65
C ASP A 397 -13.47 -21.03 -29.01
N PRO A 398 -13.96 -19.90 -29.53
CA PRO A 398 -13.60 -18.60 -28.96
C PRO A 398 -14.19 -18.31 -27.60
N ARG A 399 -15.26 -19.00 -27.21
CA ARG A 399 -15.89 -18.70 -25.94
C ARG A 399 -15.20 -19.34 -24.75
N LYS A 400 -14.43 -20.41 -24.95
CA LYS A 400 -13.71 -21.04 -23.85
C LYS A 400 -12.75 -20.03 -23.22
N THR A 401 -12.81 -19.91 -21.90
CA THR A 401 -11.96 -18.98 -21.20
C THR A 401 -10.55 -19.55 -21.01
N VAL A 402 -9.63 -18.65 -20.66
CA VAL A 402 -8.23 -19.02 -20.45
C VAL A 402 -8.13 -20.18 -19.47
N TRP A 403 -8.81 -20.06 -18.32
CA TRP A 403 -8.77 -21.12 -17.33
C TRP A 403 -9.43 -22.39 -17.86
N GLU A 404 -10.51 -22.26 -18.62
CA GLU A 404 -11.13 -23.44 -19.23
C GLU A 404 -10.17 -24.13 -20.20
N VAL A 405 -9.42 -23.34 -20.97
CA VAL A 405 -8.48 -23.92 -21.92
C VAL A 405 -7.36 -24.65 -21.20
N VAL A 406 -6.81 -24.05 -20.14
CA VAL A 406 -5.67 -24.65 -19.47
C VAL A 406 -6.09 -25.85 -18.62
N SER A 407 -7.19 -25.71 -17.88
CA SER A 407 -7.56 -26.67 -16.85
C SER A 407 -8.43 -27.81 -17.34
N ASP A 408 -9.04 -27.67 -18.52
CA ASP A 408 -10.07 -28.60 -19.00
C ASP A 408 -11.22 -28.73 -18.01
N GLY A 409 -11.43 -27.71 -17.17
CA GLY A 409 -12.49 -27.69 -16.20
C GLY A 409 -12.16 -28.20 -14.81
N LEU A 410 -10.94 -28.70 -14.59
CA LEU A 410 -10.58 -29.28 -13.31
C LEU A 410 -9.94 -28.24 -12.39
N ASP A 411 -10.36 -28.23 -11.13
CA ASP A 411 -9.69 -27.37 -10.15
C ASP A 411 -8.32 -27.91 -9.77
N TYR A 412 -8.12 -29.22 -9.87
CA TYR A 412 -6.83 -29.84 -9.58
C TYR A 412 -6.52 -30.80 -10.71
N ILE A 413 -5.29 -30.72 -11.23
CA ILE A 413 -4.84 -31.54 -12.36
C ILE A 413 -3.71 -32.43 -11.91
N GLN A 414 -3.79 -33.72 -12.23
CA GLN A 414 -2.68 -34.63 -12.07
C GLN A 414 -1.83 -34.62 -13.34
N VAL A 415 -0.54 -34.33 -13.18
CA VAL A 415 0.44 -34.37 -14.26
C VAL A 415 1.60 -35.22 -13.76
N GLY A 416 1.64 -36.48 -14.17
CA GLY A 416 2.58 -37.42 -13.57
C GLY A 416 2.31 -37.57 -12.08
N GLN A 417 3.37 -37.46 -11.28
CA GLN A 417 3.25 -37.58 -9.83
C GLN A 417 2.84 -36.29 -9.16
N THR A 418 2.64 -35.21 -9.91
CA THR A 418 2.35 -33.89 -9.36
C THR A 418 0.88 -33.54 -9.54
N GLU A 419 0.29 -32.97 -8.50
CA GLU A 419 -1.05 -32.39 -8.55
C GLU A 419 -0.89 -30.88 -8.52
N VAL A 420 -1.53 -30.19 -9.45
CA VAL A 420 -1.40 -28.75 -9.60
C VAL A 420 -2.78 -28.11 -9.44
N PRO A 421 -2.92 -27.07 -8.62
CA PRO A 421 -4.17 -26.29 -8.60
C PRO A 421 -4.22 -25.40 -9.84
N SER A 422 -5.27 -25.57 -10.64
CA SER A 422 -5.29 -24.93 -11.96
C SER A 422 -5.38 -23.41 -11.86
N ARG A 423 -6.21 -22.91 -10.94
CA ARG A 423 -6.37 -21.46 -10.80
C ARG A 423 -5.05 -20.79 -10.42
N ALA A 424 -4.35 -21.32 -9.42
CA ALA A 424 -3.06 -20.75 -9.05
C ALA A 424 -2.03 -20.92 -10.16
N TYR A 425 -2.04 -22.07 -10.83
CA TYR A 425 -1.10 -22.30 -11.92
C TYR A 425 -1.26 -21.26 -13.02
N VAL A 426 -2.48 -21.08 -13.54
CA VAL A 426 -2.71 -20.08 -14.58
C VAL A 426 -2.52 -18.67 -14.04
N SER A 427 -2.71 -18.45 -12.74
CA SER A 427 -2.43 -17.15 -12.17
C SER A 427 -0.95 -16.83 -12.22
N ALA A 428 -0.09 -17.86 -12.10
CA ALA A 428 1.35 -17.62 -12.13
C ALA A 428 1.83 -17.04 -13.46
N PHE A 429 1.07 -17.22 -14.54
CA PHE A 429 1.47 -16.74 -15.85
C PHE A 429 0.87 -15.37 -16.20
N GLY A 430 0.44 -14.61 -15.19
CA GLY A 430 -0.06 -13.27 -15.42
C GLY A 430 -1.55 -13.14 -15.62
N PHE A 431 -2.30 -14.24 -15.57
CA PHE A 431 -3.76 -14.18 -15.63
C PHE A 431 -4.27 -14.16 -14.19
N LYS A 432 -4.51 -12.97 -13.67
CA LYS A 432 -4.91 -12.77 -12.28
C LYS A 432 -6.35 -12.29 -12.22
N GLY A 433 -7.15 -12.93 -11.38
CA GLY A 433 -8.54 -12.57 -11.20
C GLY A 433 -9.37 -12.75 -12.45
N PRO A 434 -10.13 -11.72 -12.81
CA PRO A 434 -11.07 -11.85 -13.95
C PRO A 434 -10.39 -12.04 -15.29
N ASP A 435 -9.08 -11.80 -15.39
CA ASP A 435 -8.35 -12.11 -16.63
C ASP A 435 -8.49 -13.58 -17.00
N GLN A 436 -8.61 -14.46 -15.99
CA GLN A 436 -8.75 -15.89 -16.24
C GLN A 436 -10.05 -16.25 -16.94
N GLN A 437 -11.07 -15.41 -16.83
CA GLN A 437 -12.36 -15.67 -17.46
C GLN A 437 -12.48 -14.98 -18.82
N LYS A 438 -11.38 -14.43 -19.33
CA LYS A 438 -11.40 -13.76 -20.62
C LYS A 438 -11.52 -14.79 -21.74
N PRO A 439 -12.42 -14.59 -22.70
CA PRO A 439 -12.60 -15.58 -23.77
C PRO A 439 -11.37 -15.67 -24.66
N ALA A 440 -11.15 -16.87 -25.22
CA ALA A 440 -9.98 -17.11 -26.04
C ALA A 440 -9.98 -16.30 -27.32
N GLY A 441 -11.17 -15.94 -27.82
CA GLY A 441 -11.25 -15.23 -29.08
C GLY A 441 -10.83 -13.77 -29.00
N VAL A 442 -10.80 -13.20 -27.81
CA VAL A 442 -10.52 -11.78 -27.64
C VAL A 442 -9.17 -11.56 -26.95
N LEU A 443 -8.28 -12.56 -27.01
CA LEU A 443 -6.97 -12.42 -26.40
C LEU A 443 -6.02 -11.66 -27.31
N SER A 444 -5.24 -10.76 -26.72
CA SER A 444 -4.17 -10.08 -27.44
C SER A 444 -3.06 -11.07 -27.77
N GLY A 445 -2.10 -10.62 -28.59
CA GLY A 445 -0.98 -11.46 -28.94
C GLY A 445 -0.19 -11.93 -27.74
N GLY A 446 0.09 -11.02 -26.81
CA GLY A 446 0.85 -11.39 -25.62
C GLY A 446 0.09 -12.31 -24.70
N GLU A 447 -1.21 -12.05 -24.53
CA GLU A 447 -2.04 -12.95 -23.72
C GLU A 447 -2.08 -14.34 -24.34
N ARG A 448 -2.14 -14.43 -25.67
CA ARG A 448 -2.14 -15.73 -26.33
C ARG A 448 -0.78 -16.43 -26.19
N ASN A 449 0.31 -15.66 -26.23
CA ASN A 449 1.64 -16.24 -25.99
C ASN A 449 1.74 -16.81 -24.58
N ARG A 450 1.25 -16.07 -23.58
CA ARG A 450 1.32 -16.56 -22.21
C ARG A 450 0.42 -17.77 -22.01
N LEU A 451 -0.74 -17.78 -22.66
CA LEU A 451 -1.59 -18.97 -22.65
C LEU A 451 -0.87 -20.18 -23.23
N ASN A 452 -0.18 -19.99 -24.36
CA ASN A 452 0.54 -21.10 -24.98
C ASN A 452 1.68 -21.59 -24.08
N LEU A 453 2.34 -20.67 -23.38
CA LEU A 453 3.40 -21.07 -22.45
C LEU A 453 2.85 -21.91 -21.31
N ALA A 454 1.75 -21.45 -20.71
CA ALA A 454 1.10 -22.22 -19.65
C ALA A 454 0.67 -23.59 -20.14
N LEU A 455 0.20 -23.67 -21.40
CA LEU A 455 -0.16 -24.97 -21.97
C LEU A 455 1.07 -25.84 -22.17
N THR A 456 2.20 -25.24 -22.52
CA THR A 456 3.42 -26.00 -22.75
C THR A 456 3.94 -26.61 -21.45
N LEU A 457 3.95 -25.85 -20.36
CA LEU A 457 4.62 -26.32 -19.16
C LEU A 457 3.83 -27.38 -18.38
N LYS A 458 2.53 -27.53 -18.65
CA LYS A 458 1.69 -28.51 -17.97
C LYS A 458 1.68 -29.89 -18.64
N GLN A 459 2.40 -30.10 -19.76
CA GLN A 459 2.37 -31.40 -20.40
C GLN A 459 3.26 -32.45 -19.74
N GLY A 460 4.09 -32.07 -18.77
CA GLY A 460 4.83 -33.05 -17.99
C GLY A 460 5.86 -33.85 -18.75
N GLY A 461 6.35 -33.34 -19.88
CA GLY A 461 7.45 -33.97 -20.57
C GLY A 461 8.77 -33.73 -19.85
N ASN A 462 9.81 -34.41 -20.33
CA ASN A 462 11.16 -34.18 -19.81
C ASN A 462 12.04 -33.42 -20.81
N LEU A 463 11.53 -33.13 -22.01
CA LEU A 463 12.19 -32.27 -22.98
C LEU A 463 11.21 -31.16 -23.36
N ILE A 464 11.51 -29.94 -22.93
CA ILE A 464 10.62 -28.79 -23.11
C ILE A 464 11.12 -27.94 -24.27
N LEU A 465 10.24 -27.66 -25.22
CA LEU A 465 10.55 -26.78 -26.35
C LEU A 465 9.79 -25.48 -26.17
N LEU A 466 10.52 -24.37 -26.07
CA LEU A 466 9.94 -23.06 -25.84
C LEU A 466 10.38 -22.11 -26.95
N ASP A 467 9.41 -21.47 -27.61
CA ASP A 467 9.65 -20.56 -28.71
C ASP A 467 9.34 -19.14 -28.24
N GLU A 468 10.38 -18.35 -27.98
CA GLU A 468 10.27 -17.01 -27.44
C GLU A 468 9.33 -16.95 -26.24
N PRO A 469 9.64 -17.68 -25.15
CA PRO A 469 8.72 -17.72 -24.00
C PRO A 469 8.71 -16.45 -23.17
N THR A 470 9.65 -15.53 -23.38
CA THR A 470 9.69 -14.30 -22.60
C THR A 470 8.65 -13.29 -23.04
N ASN A 471 7.94 -13.54 -24.14
CA ASN A 471 7.01 -12.57 -24.69
C ASN A 471 5.92 -12.22 -23.69
N ASP A 472 5.72 -10.92 -23.47
CA ASP A 472 4.66 -10.35 -22.64
C ASP A 472 4.76 -10.76 -21.18
N LEU A 473 5.95 -11.15 -20.72
CA LEU A 473 6.20 -11.40 -19.30
C LEU A 473 6.89 -10.20 -18.68
N ASP A 474 6.48 -9.85 -17.47
CA ASP A 474 7.20 -8.82 -16.72
C ASP A 474 8.45 -9.43 -16.09
N VAL A 475 9.28 -8.56 -15.53
CA VAL A 475 10.58 -9.00 -15.03
C VAL A 475 10.44 -10.01 -13.90
N GLU A 476 9.41 -9.87 -13.07
CA GLU A 476 9.17 -10.82 -11.98
C GLU A 476 8.87 -12.21 -12.53
N THR A 477 7.90 -12.30 -13.44
CA THR A 477 7.59 -13.59 -14.06
C THR A 477 8.77 -14.11 -14.88
N LEU A 478 9.60 -13.21 -15.41
CA LEU A 478 10.81 -13.65 -16.11
C LEU A 478 11.74 -14.39 -15.16
N GLY A 479 12.02 -13.79 -14.00
CA GLY A 479 12.82 -14.49 -12.99
C GLY A 479 12.17 -15.78 -12.53
N SER A 480 10.84 -15.78 -12.41
CA SER A 480 10.13 -17.00 -12.00
C SER A 480 10.33 -18.12 -13.00
N LEU A 481 10.20 -17.81 -14.29
CA LEU A 481 10.41 -18.81 -15.33
C LEU A 481 11.85 -19.28 -15.35
N GLU A 482 12.78 -18.35 -15.16
CA GLU A 482 14.20 -18.71 -15.05
C GLU A 482 14.42 -19.74 -13.95
N ASN A 483 13.96 -19.45 -12.74
CA ASN A 483 14.13 -20.38 -11.62
C ASN A 483 13.46 -21.71 -11.90
N ALA A 484 12.24 -21.68 -12.45
CA ALA A 484 11.54 -22.92 -12.78
C ALA A 484 12.36 -23.78 -13.73
N LEU A 485 12.99 -23.16 -14.72
CA LEU A 485 13.81 -23.93 -15.66
C LEU A 485 15.08 -24.45 -15.00
N LEU A 486 15.70 -23.64 -14.13
CA LEU A 486 16.95 -24.07 -13.49
C LEU A 486 16.75 -25.24 -12.54
N ASN A 487 15.53 -25.46 -12.05
CA ASN A 487 15.24 -26.56 -11.14
C ASN A 487 14.60 -27.75 -11.83
N PHE A 488 14.46 -27.71 -13.15
CA PHE A 488 13.76 -28.76 -13.87
C PHE A 488 14.69 -29.94 -14.17
N PRO A 489 14.35 -31.16 -13.75
CA PRO A 489 15.17 -32.32 -14.08
C PRO A 489 14.94 -32.80 -15.50
N GLY A 490 15.61 -32.18 -16.47
CA GLY A 490 15.44 -32.58 -17.85
C GLY A 490 16.13 -31.59 -18.77
N CYS A 491 15.74 -31.65 -20.04
CA CYS A 491 16.31 -30.77 -21.06
C CYS A 491 15.28 -29.77 -21.54
N ALA A 492 15.78 -28.67 -22.07
CA ALA A 492 14.95 -27.62 -22.67
C ALA A 492 15.69 -26.99 -23.83
N VAL A 493 14.97 -26.70 -24.90
CA VAL A 493 15.49 -25.96 -26.05
C VAL A 493 14.68 -24.68 -26.16
N VAL A 494 15.36 -23.54 -26.15
CA VAL A 494 14.72 -22.25 -25.99
C VAL A 494 15.18 -21.31 -27.10
N ILE A 495 14.22 -20.74 -27.82
CA ILE A 495 14.47 -19.65 -28.75
C ILE A 495 14.14 -18.35 -28.03
N SER A 496 15.06 -17.40 -28.05
CA SER A 496 14.82 -16.16 -27.32
C SER A 496 15.80 -15.09 -27.78
N HIS A 497 15.36 -13.83 -27.68
CA HIS A 497 16.23 -12.67 -27.84
C HIS A 497 16.64 -12.06 -26.50
N ASP A 498 16.08 -12.52 -25.40
CA ASP A 498 16.40 -11.99 -24.07
C ASP A 498 17.75 -12.53 -23.63
N ARG A 499 18.78 -11.69 -23.67
CA ARG A 499 20.14 -12.14 -23.37
C ARG A 499 20.33 -12.44 -21.89
N TRP A 500 19.65 -11.69 -21.02
CA TRP A 500 19.70 -11.99 -19.59
C TRP A 500 19.19 -13.40 -19.33
N PHE A 501 18.04 -13.75 -19.92
CA PHE A 501 17.48 -15.09 -19.81
C PHE A 501 18.47 -16.13 -20.30
N LEU A 502 19.04 -15.92 -21.49
CA LEU A 502 19.99 -16.88 -22.06
C LEU A 502 21.19 -17.08 -21.15
N ASP A 503 21.78 -15.98 -20.67
CA ASP A 503 22.94 -16.09 -19.78
C ASP A 503 22.60 -16.79 -18.48
N ARG A 504 21.38 -16.57 -17.95
CA ARG A 504 21.06 -17.18 -16.67
C ARG A 504 20.71 -18.65 -16.77
N THR A 505 20.17 -19.11 -17.91
CA THR A 505 19.62 -20.46 -17.94
C THR A 505 20.31 -21.45 -18.87
N CYS A 506 21.08 -20.99 -19.86
CA CYS A 506 21.55 -21.86 -20.92
C CYS A 506 22.88 -22.54 -20.59
N THR A 507 22.95 -23.84 -20.84
CA THR A 507 24.21 -24.57 -20.85
C THR A 507 24.83 -24.66 -22.24
N HIS A 508 24.05 -24.43 -23.29
CA HIS A 508 24.54 -24.51 -24.66
C HIS A 508 23.86 -23.43 -25.50
N ILE A 509 24.52 -23.08 -26.60
CA ILE A 509 23.97 -22.17 -27.59
C ILE A 509 24.04 -22.84 -28.97
N LEU A 510 22.95 -22.74 -29.72
CA LEU A 510 22.89 -23.14 -31.12
C LEU A 510 22.62 -21.90 -31.95
N ALA A 511 23.60 -21.45 -32.71
CA ALA A 511 23.57 -20.15 -33.36
C ALA A 511 23.72 -20.26 -34.87
N TRP A 512 22.90 -19.48 -35.58
CA TRP A 512 23.04 -19.31 -37.02
C TRP A 512 24.29 -18.47 -37.33
N GLU A 513 25.12 -18.97 -38.26
CA GLU A 513 26.36 -18.29 -38.62
C GLU A 513 26.55 -18.31 -40.13
N GLY A 514 25.48 -18.01 -40.88
CA GLY A 514 25.53 -18.08 -42.32
C GLY A 514 26.45 -17.04 -42.93
N ASP A 515 27.07 -17.43 -44.05
CA ASP A 515 27.92 -16.59 -44.89
C ASP A 515 27.29 -16.38 -46.25
N ASP A 516 27.95 -15.56 -47.07
CA ASP A 516 27.65 -15.53 -48.49
C ASP A 516 27.90 -16.87 -49.16
N ASP A 517 28.95 -17.61 -48.75
CA ASP A 517 29.18 -18.91 -49.40
C ASP A 517 28.18 -19.97 -48.89
N ASN A 518 28.00 -20.05 -47.58
CA ASN A 518 27.07 -21.00 -46.97
C ASN A 518 26.08 -20.23 -46.11
N GLU A 519 24.85 -20.07 -46.61
CA GLU A 519 23.82 -19.33 -45.89
C GLU A 519 23.14 -20.15 -44.79
N ALA A 520 23.42 -21.46 -44.72
CA ALA A 520 22.71 -22.36 -43.84
C ALA A 520 23.63 -22.96 -42.78
N LYS A 521 24.70 -22.25 -42.44
CA LYS A 521 25.67 -22.74 -41.47
C LYS A 521 25.24 -22.41 -40.04
N TRP A 522 25.40 -23.38 -39.14
CA TRP A 522 25.05 -23.26 -37.73
C TRP A 522 26.22 -23.71 -36.86
N PHE A 523 26.25 -23.20 -35.62
CA PHE A 523 27.33 -23.50 -34.68
C PHE A 523 26.75 -23.94 -33.33
N TRP A 524 27.28 -25.03 -32.80
CA TRP A 524 26.90 -25.57 -31.49
C TRP A 524 28.01 -25.28 -30.48
N PHE A 525 27.63 -24.69 -29.34
CA PHE A 525 28.59 -24.18 -28.37
C PHE A 525 28.16 -24.55 -26.96
N GLU A 526 29.12 -24.98 -26.14
CA GLU A 526 28.86 -25.28 -24.73
C GLU A 526 29.17 -24.03 -23.91
N GLY A 527 28.14 -23.46 -23.29
CA GLY A 527 28.26 -22.18 -22.62
C GLY A 527 27.03 -21.32 -22.85
N ASN A 528 26.96 -20.15 -22.19
CA ASN A 528 25.80 -19.30 -22.34
C ASN A 528 26.01 -18.29 -23.47
N PHE A 529 25.09 -17.33 -23.59
CA PHE A 529 25.13 -16.40 -24.72
C PHE A 529 26.41 -15.57 -24.73
N GLY A 530 26.80 -15.01 -23.58
CA GLY A 530 27.98 -14.17 -23.55
C GLY A 530 29.24 -14.94 -23.89
N ALA A 531 29.36 -16.17 -23.38
CA ALA A 531 30.50 -17.01 -23.72
C ALA A 531 30.49 -17.35 -25.20
N TYR A 532 29.30 -17.61 -25.76
CA TYR A 532 29.21 -17.84 -27.19
C TYR A 532 29.70 -16.63 -27.98
N GLU A 533 29.30 -15.42 -27.57
CA GLU A 533 29.72 -14.23 -28.29
C GLU A 533 31.22 -14.03 -28.21
N GLU A 534 31.80 -14.23 -27.03
CA GLU A 534 33.25 -14.10 -26.89
C GLU A 534 33.98 -15.11 -27.77
N ASN A 535 33.51 -16.36 -27.78
CA ASN A 535 34.10 -17.38 -28.64
C ASN A 535 33.88 -17.05 -30.11
N LYS A 536 32.73 -16.47 -30.46
CA LYS A 536 32.46 -16.07 -31.84
C LYS A 536 33.47 -15.03 -32.32
N VAL A 537 33.77 -14.05 -31.48
CA VAL A 537 34.79 -13.07 -31.84
C VAL A 537 36.15 -13.75 -31.97
N GLU A 538 36.45 -14.69 -31.07
CA GLU A 538 37.71 -15.42 -31.15
C GLU A 538 37.83 -16.20 -32.46
N ARG A 539 36.72 -16.77 -32.94
CA ARG A 539 36.74 -17.66 -34.08
C ARG A 539 36.69 -16.91 -35.40
N LEU A 540 35.90 -15.83 -35.47
CA LEU A 540 35.55 -15.19 -36.73
C LEU A 540 36.17 -13.82 -36.93
N GLY A 541 36.65 -13.18 -35.87
CA GLY A 541 37.05 -11.79 -36.04
C GLY A 541 35.91 -10.84 -35.78
N VAL A 542 36.27 -9.62 -35.35
CA VAL A 542 35.27 -8.71 -34.83
C VAL A 542 34.25 -8.34 -35.89
N ASP A 543 34.68 -8.15 -37.13
CA ASP A 543 33.74 -7.75 -38.17
C ASP A 543 32.82 -8.89 -38.58
N ALA A 544 33.33 -10.12 -38.59
CA ALA A 544 32.49 -11.24 -39.01
C ALA A 544 31.61 -11.75 -37.88
N ALA A 545 31.96 -11.46 -36.63
CA ALA A 545 31.08 -11.76 -35.52
C ALA A 545 29.95 -10.76 -35.38
N ARG A 546 30.12 -9.55 -35.93
CA ARG A 546 29.07 -8.55 -35.92
C ARG A 546 27.85 -9.09 -36.67
N PRO A 547 26.64 -8.65 -36.31
CA PRO A 547 25.46 -9.05 -37.07
C PRO A 547 25.41 -8.41 -38.46
N HIS A 548 24.84 -9.16 -39.41
CA HIS A 548 24.74 -8.75 -40.80
C HIS A 548 23.35 -9.06 -41.35
N ARG A 549 23.02 -8.43 -42.47
CA ARG A 549 21.82 -8.77 -43.20
C ARG A 549 21.91 -10.19 -43.76
N VAL A 550 20.76 -10.85 -43.84
CA VAL A 550 20.70 -12.17 -44.47
C VAL A 550 20.55 -11.97 -45.97
N THR A 551 21.28 -12.74 -46.75
CA THR A 551 21.23 -12.63 -48.20
C THR A 551 19.85 -13.04 -48.73
N PHE B 4 16.16 20.08 -18.09
CA PHE B 4 16.30 21.03 -19.19
C PHE B 4 15.57 20.56 -20.44
N ILE B 5 15.96 19.38 -20.92
CA ILE B 5 15.50 18.91 -22.22
C ILE B 5 13.99 18.69 -22.25
N TYR B 6 13.41 18.27 -21.13
CA TYR B 6 11.96 18.14 -21.04
C TYR B 6 11.54 18.33 -19.59
N THR B 7 10.40 18.98 -19.39
CA THR B 7 9.87 19.20 -18.05
C THR B 7 8.39 18.87 -18.01
N MET B 8 7.98 18.09 -17.03
CA MET B 8 6.57 17.85 -16.72
C MET B 8 6.30 18.40 -15.33
N LYS B 9 5.23 19.19 -15.19
CA LYS B 9 4.88 19.79 -13.91
C LYS B 9 3.38 19.58 -13.67
N LYS B 10 3.07 18.78 -12.65
CA LYS B 10 1.69 18.46 -12.27
C LYS B 10 0.88 17.95 -13.46
N VAL B 11 1.55 17.19 -14.33
CA VAL B 11 0.89 16.62 -15.51
C VAL B 11 -0.07 15.51 -15.07
N ARG B 12 -1.28 15.52 -15.62
CA ARG B 12 -2.27 14.50 -15.31
C ARG B 12 -2.95 14.09 -16.60
N LYS B 13 -3.14 12.79 -16.80
CA LYS B 13 -3.78 12.26 -17.99
C LYS B 13 -4.78 11.19 -17.59
N ALA B 14 -6.03 11.35 -18.03
CA ALA B 14 -7.09 10.42 -17.67
C ALA B 14 -8.07 10.28 -18.83
N HIS B 15 -8.66 9.09 -18.93
CA HIS B 15 -9.74 8.81 -19.89
C HIS B 15 -10.94 8.32 -19.07
N GLY B 16 -11.79 9.26 -18.64
CA GLY B 16 -12.89 8.91 -17.78
C GLY B 16 -12.50 8.68 -16.33
N ASP B 17 -12.70 7.45 -15.85
CA ASP B 17 -12.38 7.10 -14.47
C ASP B 17 -10.98 6.54 -14.33
N LYS B 18 -10.37 6.12 -15.43
CA LYS B 18 -9.00 5.62 -15.45
C LYS B 18 -8.03 6.78 -15.41
N VAL B 19 -7.24 6.89 -14.34
CA VAL B 19 -6.22 7.91 -14.22
C VAL B 19 -4.88 7.26 -14.56
N ILE B 20 -4.30 7.63 -15.70
CA ILE B 20 -3.06 6.99 -16.14
C ILE B 20 -1.82 7.83 -15.88
N LEU B 21 -1.98 9.12 -15.61
CA LEU B 21 -0.91 9.97 -15.11
C LEU B 21 -1.49 10.83 -14.01
N ASP B 22 -0.78 10.91 -12.89
CA ASP B 22 -1.31 11.50 -11.66
C ASP B 22 -0.26 12.44 -11.08
N ASP B 23 -0.43 13.73 -11.34
CA ASP B 23 0.46 14.78 -10.83
C ASP B 23 1.92 14.42 -11.05
N VAL B 24 2.23 14.01 -12.27
CA VAL B 24 3.60 13.67 -12.64
C VAL B 24 4.41 14.95 -12.77
N THR B 25 5.49 15.05 -11.99
CA THR B 25 6.37 16.21 -12.01
C THR B 25 7.81 15.72 -12.13
N LEU B 26 8.36 15.78 -13.34
CA LEU B 26 9.71 15.32 -13.61
C LEU B 26 10.44 16.33 -14.47
N SER B 27 11.75 16.44 -14.27
CA SER B 27 12.61 17.30 -15.06
C SER B 27 13.81 16.49 -15.54
N PHE B 28 13.95 16.36 -16.85
CA PHE B 28 14.98 15.53 -17.45
C PHE B 28 16.15 16.39 -17.89
N TYR B 29 17.35 16.07 -17.39
CA TYR B 29 18.52 16.78 -17.85
C TYR B 29 18.93 16.29 -19.24
N PRO B 30 19.55 17.14 -20.05
CA PRO B 30 19.92 16.72 -21.42
C PRO B 30 20.88 15.54 -21.39
N GLY B 31 20.65 14.61 -22.32
CA GLY B 31 21.47 13.42 -22.42
C GLY B 31 21.17 12.35 -21.40
N ALA B 32 20.08 12.49 -20.63
CA ALA B 32 19.75 11.52 -19.60
C ALA B 32 19.25 10.22 -20.21
N LYS B 33 19.65 9.10 -19.61
CA LYS B 33 19.22 7.77 -20.04
C LYS B 33 18.30 7.19 -18.97
N ILE B 34 17.01 7.19 -19.25
CA ILE B 34 15.99 6.66 -18.34
C ILE B 34 15.37 5.44 -18.98
N GLY B 35 15.36 4.33 -18.24
CA GLY B 35 14.54 3.18 -18.59
C GLY B 35 13.24 3.25 -17.80
N VAL B 36 12.14 2.97 -18.49
CA VAL B 36 10.80 3.08 -17.91
C VAL B 36 10.25 1.67 -17.73
N VAL B 37 9.88 1.34 -16.50
CA VAL B 37 9.39 0.02 -16.14
C VAL B 37 8.04 0.15 -15.46
N GLY B 38 7.31 -0.96 -15.41
CA GLY B 38 6.00 -1.00 -14.81
C GLY B 38 5.12 -2.02 -15.48
N PRO B 39 4.08 -2.47 -14.78
CA PRO B 39 3.18 -3.48 -15.36
C PRO B 39 2.41 -2.91 -16.53
N ASN B 40 1.78 -3.81 -17.29
CA ASN B 40 0.97 -3.38 -18.42
C ASN B 40 -0.19 -2.52 -17.95
N GLY B 41 -0.47 -1.46 -18.71
CA GLY B 41 -1.50 -0.52 -18.30
C GLY B 41 -1.09 0.45 -17.23
N ALA B 42 0.22 0.59 -16.97
CA ALA B 42 0.67 1.53 -15.95
C ALA B 42 0.72 2.96 -16.46
N GLY B 43 0.94 3.16 -17.77
CA GLY B 43 0.92 4.50 -18.33
C GLY B 43 2.15 4.88 -19.12
N LYS B 44 3.00 3.89 -19.43
CA LYS B 44 4.31 4.17 -20.03
C LYS B 44 4.17 4.76 -21.45
N SER B 45 3.41 4.08 -22.31
CA SER B 45 3.25 4.55 -23.68
C SER B 45 2.59 5.93 -23.72
N SER B 46 1.73 6.23 -22.74
CA SER B 46 1.10 7.54 -22.70
C SER B 46 2.13 8.63 -22.38
N VAL B 47 3.05 8.36 -21.45
CA VAL B 47 4.12 9.31 -21.17
C VAL B 47 4.94 9.56 -22.43
N LEU B 48 5.31 8.47 -23.12
CA LEU B 48 6.10 8.64 -24.34
C LEU B 48 5.35 9.44 -25.39
N ARG B 49 4.05 9.17 -25.55
CA ARG B 49 3.25 9.88 -26.55
C ARG B 49 3.11 11.36 -26.21
N ILE B 50 2.97 11.69 -24.93
CA ILE B 50 2.93 13.09 -24.53
C ILE B 50 4.27 13.77 -24.83
N MET B 51 5.37 13.10 -24.46
CA MET B 51 6.67 13.69 -24.73
C MET B 51 6.97 13.78 -26.22
N ALA B 52 6.42 12.85 -27.01
CA ALA B 52 6.57 12.92 -28.47
C ALA B 52 5.73 14.01 -29.10
N GLY B 53 4.87 14.67 -28.34
CA GLY B 53 3.97 15.66 -28.89
C GLY B 53 2.75 15.11 -29.60
N LEU B 54 2.52 13.79 -29.54
CA LEU B 54 1.31 13.22 -30.12
C LEU B 54 0.11 13.41 -29.20
N ASP B 55 0.35 13.54 -27.90
CA ASP B 55 -0.72 13.78 -26.95
C ASP B 55 -0.39 15.01 -26.13
N LYS B 56 -1.43 15.66 -25.66
CA LYS B 56 -1.32 16.74 -24.70
C LYS B 56 -1.94 16.31 -23.38
N PRO B 57 -1.38 16.73 -22.25
CA PRO B 57 -1.97 16.35 -20.97
C PRO B 57 -3.28 17.08 -20.72
N ASN B 58 -4.13 16.45 -19.89
CA ASN B 58 -5.39 17.09 -19.52
C ASN B 58 -5.13 18.29 -18.62
N ASN B 59 -4.22 18.16 -17.66
CA ASN B 59 -3.85 19.25 -16.78
C ASN B 59 -2.33 19.27 -16.64
N GLY B 60 -1.79 20.44 -16.31
CA GLY B 60 -0.37 20.57 -16.08
C GLY B 60 0.40 20.95 -17.32
N ASP B 61 1.69 21.18 -17.12
CA ASP B 61 2.60 21.63 -18.18
C ASP B 61 3.50 20.47 -18.59
N ALA B 62 3.45 20.12 -19.87
CA ALA B 62 4.36 19.15 -20.47
C ALA B 62 5.11 19.89 -21.57
N PHE B 63 6.38 20.19 -21.32
CA PHE B 63 7.11 21.19 -22.08
C PHE B 63 8.40 20.59 -22.62
N LEU B 64 8.57 20.64 -23.94
CA LEU B 64 9.83 20.35 -24.59
C LEU B 64 10.70 21.59 -24.65
N ALA B 65 11.99 21.42 -24.35
CA ALA B 65 12.93 22.53 -24.45
C ALA B 65 12.93 23.10 -25.86
N THR B 66 12.81 24.42 -25.95
CA THR B 66 12.81 25.07 -27.25
C THR B 66 14.15 24.88 -27.93
N GLY B 67 14.11 24.56 -29.22
CA GLY B 67 15.29 24.25 -29.98
C GLY B 67 15.73 22.80 -29.93
N ALA B 68 15.11 21.98 -29.09
CA ALA B 68 15.40 20.56 -29.05
C ALA B 68 14.54 19.81 -30.06
N THR B 69 15.01 18.64 -30.48
CA THR B 69 14.31 17.79 -31.43
C THR B 69 13.92 16.47 -30.78
N VAL B 70 12.82 15.89 -31.25
CA VAL B 70 12.24 14.69 -30.64
C VAL B 70 11.99 13.63 -31.70
N GLY B 71 12.22 12.37 -31.34
CA GLY B 71 11.84 11.26 -32.18
C GLY B 71 11.24 10.15 -31.35
N ILE B 72 10.28 9.44 -31.94
CA ILE B 72 9.50 8.45 -31.22
C ILE B 72 9.46 7.15 -32.01
N LEU B 73 9.64 6.04 -31.30
CA LEU B 73 9.41 4.70 -31.84
C LEU B 73 8.18 4.11 -31.17
N GLN B 74 7.11 3.89 -31.93
CA GLN B 74 5.83 3.43 -31.41
C GLN B 74 5.41 2.12 -32.09
N GLN B 75 4.32 1.53 -31.59
CA GLN B 75 3.96 0.18 -32.01
C GLN B 75 3.63 0.11 -33.49
N GLU B 76 2.97 1.13 -34.01
CA GLU B 76 2.72 1.23 -35.45
C GLU B 76 3.52 2.40 -36.01
N PRO B 77 4.79 2.17 -36.34
CA PRO B 77 5.67 3.27 -36.75
C PRO B 77 5.23 3.86 -38.07
N PRO B 78 5.29 5.19 -38.19
CA PRO B 78 5.01 5.84 -39.48
C PRO B 78 6.22 5.75 -40.41
N LEU B 79 5.98 5.25 -41.61
CA LEU B 79 6.98 5.19 -42.67
C LEU B 79 6.48 5.93 -43.91
N ASN B 80 7.42 6.46 -44.68
CA ASN B 80 7.08 7.05 -45.97
C ASN B 80 6.78 5.90 -46.93
N GLU B 81 5.48 5.65 -47.15
CA GLU B 81 5.09 4.48 -47.92
C GLU B 81 5.42 4.60 -49.40
N ASP B 82 5.62 5.82 -49.89
CA ASP B 82 5.94 6.07 -51.29
C ASP B 82 7.44 6.05 -51.57
N LYS B 83 8.25 5.63 -50.59
CA LYS B 83 9.70 5.60 -50.74
C LYS B 83 10.20 4.22 -50.34
N THR B 84 11.39 3.89 -50.83
CA THR B 84 11.97 2.57 -50.56
C THR B 84 12.61 2.53 -49.16
N VAL B 85 13.14 1.36 -48.81
CA VAL B 85 13.82 1.17 -47.53
C VAL B 85 14.94 2.18 -47.34
N ARG B 86 15.92 2.16 -48.25
CA ARG B 86 17.04 3.10 -48.14
C ARG B 86 16.56 4.54 -48.17
N GLY B 87 15.53 4.83 -48.98
CA GLY B 87 15.01 6.18 -49.01
C GLY B 87 14.38 6.59 -47.68
N ASN B 88 13.61 5.69 -47.07
CA ASN B 88 13.06 5.94 -45.75
C ASN B 88 14.16 6.24 -44.74
N VAL B 89 15.17 5.36 -44.69
CA VAL B 89 16.24 5.55 -43.71
C VAL B 89 17.03 6.82 -43.99
N GLU B 90 17.19 7.19 -45.26
CA GLU B 90 17.92 8.40 -45.61
C GLU B 90 17.14 9.64 -45.20
N GLU B 91 15.81 9.59 -45.32
CA GLU B 91 14.96 10.72 -44.98
C GLU B 91 15.14 11.17 -43.54
N GLY B 92 15.61 10.29 -42.65
CA GLY B 92 15.83 10.69 -41.27
C GLY B 92 16.84 11.81 -41.15
N MET B 93 17.97 11.69 -41.85
CA MET B 93 18.97 12.74 -41.85
C MET B 93 18.50 13.90 -42.72
N GLY B 94 18.82 15.12 -42.27
CA GLY B 94 18.42 16.33 -42.99
C GLY B 94 19.32 16.84 -44.10
N ASP B 95 19.70 18.11 -43.97
CA ASP B 95 20.36 18.85 -45.05
C ASP B 95 21.64 18.15 -45.51
N ILE B 96 22.36 17.54 -44.59
CA ILE B 96 23.63 16.90 -44.92
C ILE B 96 23.45 15.78 -45.93
N LYS B 97 22.34 15.05 -45.87
CA LYS B 97 22.14 13.96 -46.82
C LYS B 97 21.88 14.49 -48.23
N ILE B 98 21.09 15.56 -48.35
CA ILE B 98 20.85 16.13 -49.67
C ILE B 98 22.13 16.74 -50.22
N LYS B 99 22.93 17.37 -49.38
CA LYS B 99 24.19 17.92 -49.88
C LYS B 99 25.18 16.82 -50.26
N LEU B 100 25.19 15.69 -49.55
CA LEU B 100 26.05 14.59 -49.95
C LEU B 100 25.57 13.95 -51.25
N ASP B 101 24.26 13.82 -51.43
CA ASP B 101 23.73 13.32 -52.69
C ASP B 101 24.07 14.26 -53.85
N ARG B 102 24.03 15.56 -53.59
CA ARG B 102 24.39 16.55 -54.59
C ARG B 102 25.89 16.48 -54.92
N PHE B 103 26.72 16.29 -53.89
CA PHE B 103 28.15 16.10 -54.09
C PHE B 103 28.42 14.89 -54.97
N ASN B 104 27.75 13.77 -54.70
CA ASN B 104 27.98 12.58 -55.52
C ASN B 104 27.43 12.78 -56.93
N GLU B 105 26.32 13.52 -57.07
CA GLU B 105 25.79 13.82 -58.40
C GLU B 105 26.77 14.63 -59.23
N VAL B 106 27.29 15.72 -58.66
CA VAL B 106 28.27 16.52 -59.40
C VAL B 106 29.54 15.71 -59.65
N ALA B 107 29.91 14.83 -58.72
CA ALA B 107 31.08 13.99 -58.91
C ALA B 107 30.92 13.09 -60.14
N GLU B 108 29.74 12.48 -60.29
CA GLU B 108 29.52 11.64 -61.47
C GLU B 108 29.11 12.44 -62.70
N LEU B 109 28.92 13.75 -62.57
CA LEU B 109 28.67 14.61 -63.72
C LEU B 109 29.96 15.11 -64.35
N MET B 110 31.00 15.38 -63.54
CA MET B 110 32.26 15.88 -64.05
C MET B 110 33.03 14.86 -64.90
N ALA B 111 32.56 13.62 -65.03
CA ALA B 111 33.24 12.65 -65.88
C ALA B 111 32.74 12.68 -67.30
N THR B 112 31.49 13.06 -67.50
CA THR B 112 30.88 13.20 -68.82
C THR B 112 30.95 14.63 -69.33
N ASP B 113 30.97 15.61 -68.41
CA ASP B 113 30.99 17.03 -68.71
C ASP B 113 31.97 17.70 -67.76
N TYR B 114 32.39 18.91 -68.09
CA TYR B 114 33.18 19.67 -67.14
C TYR B 114 32.72 21.13 -67.10
N THR B 115 32.95 21.76 -65.95
CA THR B 115 32.76 23.21 -65.78
C THR B 115 33.58 23.63 -64.56
N ASP B 116 34.36 24.71 -64.70
CA ASP B 116 35.16 25.15 -63.57
C ASP B 116 34.30 25.61 -62.41
N GLU B 117 33.10 26.12 -62.69
CA GLU B 117 32.19 26.47 -61.62
C GLU B 117 31.61 25.25 -60.94
N LEU B 118 31.48 24.12 -61.65
CA LEU B 118 31.16 22.89 -60.95
C LEU B 118 32.29 22.49 -60.02
N MET B 119 33.55 22.78 -60.38
CA MET B 119 34.65 22.54 -59.47
C MET B 119 34.53 23.43 -58.24
N GLU B 120 34.16 24.69 -58.43
CA GLU B 120 34.01 25.58 -57.29
C GLU B 120 32.86 25.13 -56.39
N GLU B 121 31.77 24.66 -57.00
CA GLU B 121 30.66 24.11 -56.24
C GLU B 121 31.11 22.89 -55.45
N MET B 122 31.90 22.02 -56.09
CA MET B 122 32.42 20.84 -55.41
C MET B 122 33.33 21.20 -54.25
N GLY B 123 34.19 22.21 -54.42
CA GLY B 123 35.03 22.61 -53.30
C GLY B 123 34.20 23.10 -52.13
N ARG B 124 33.15 23.88 -52.41
CA ARG B 124 32.25 24.33 -51.35
C ARG B 124 31.54 23.17 -50.68
N LEU B 125 31.00 22.24 -51.47
CA LEU B 125 30.34 21.07 -50.90
C LEU B 125 31.32 20.23 -50.08
N GLN B 126 32.53 20.00 -50.58
CA GLN B 126 33.50 19.25 -49.80
C GLN B 126 33.78 19.92 -48.47
N GLU B 127 33.97 21.23 -48.47
CA GLU B 127 34.24 21.93 -47.23
C GLU B 127 33.06 21.79 -46.27
N GLU B 128 31.85 21.98 -46.78
CA GLU B 128 30.66 21.91 -45.94
C GLU B 128 30.48 20.52 -45.35
N LEU B 129 30.69 19.48 -46.16
CA LEU B 129 30.50 18.10 -45.71
C LEU B 129 31.63 17.59 -44.82
N ASP B 130 32.85 18.11 -44.99
CA ASP B 130 33.97 17.75 -44.13
C ASP B 130 33.85 18.44 -42.79
N HIS B 131 33.32 19.66 -42.80
CA HIS B 131 33.03 20.41 -41.61
C HIS B 131 31.89 19.75 -40.84
N ALA B 132 31.17 18.81 -41.48
CA ALA B 132 30.06 18.08 -40.89
C ALA B 132 30.25 16.56 -40.75
N ASP B 133 31.37 15.98 -41.22
CA ASP B 133 31.60 14.52 -41.17
C ASP B 133 30.48 13.74 -41.86
N ALA B 134 30.14 14.17 -43.08
CA ALA B 134 29.03 13.54 -43.82
C ALA B 134 29.33 12.09 -44.19
N TRP B 135 30.54 11.81 -44.64
CA TRP B 135 30.84 10.45 -45.07
C TRP B 135 30.87 9.49 -43.88
N ASP B 136 31.26 9.96 -42.70
CA ASP B 136 31.12 9.08 -41.54
C ASP B 136 29.65 8.81 -41.26
N LEU B 137 28.76 9.74 -41.63
CA LEU B 137 27.33 9.52 -41.47
C LEU B 137 26.81 8.46 -42.44
N ASP B 138 27.27 8.49 -43.69
CA ASP B 138 26.84 7.45 -44.62
C ASP B 138 27.37 6.08 -44.20
N ALA B 139 28.62 6.04 -43.70
CA ALA B 139 29.16 4.81 -43.14
C ALA B 139 28.31 4.30 -41.98
N GLN B 140 27.91 5.21 -41.08
CA GLN B 140 27.07 4.82 -39.95
C GLN B 140 25.70 4.33 -40.41
N LEU B 141 25.16 4.93 -41.48
CA LEU B 141 23.92 4.42 -42.06
C LEU B 141 24.08 2.97 -42.48
N GLU B 142 25.17 2.66 -43.20
CA GLU B 142 25.36 1.29 -43.64
C GLU B 142 25.58 0.34 -42.46
N GLN B 143 26.36 0.78 -41.46
CA GLN B 143 26.57 -0.06 -40.29
C GLN B 143 25.26 -0.34 -39.55
N ALA B 144 24.39 0.66 -39.44
CA ALA B 144 23.11 0.48 -38.76
C ALA B 144 22.19 -0.44 -39.54
N MET B 145 22.06 -0.21 -40.85
CA MET B 145 21.20 -1.06 -41.67
C MET B 145 21.68 -2.50 -41.65
N ASP B 146 22.99 -2.72 -41.62
CA ASP B 146 23.51 -4.08 -41.56
C ASP B 146 23.27 -4.72 -40.19
N ALA B 147 23.57 -3.99 -39.11
CA ALA B 147 23.52 -4.59 -37.78
C ALA B 147 22.11 -4.93 -37.34
N LEU B 148 21.12 -4.11 -37.71
CA LEU B 148 19.72 -4.35 -37.36
C LEU B 148 19.01 -5.35 -38.27
N ARG B 149 19.70 -5.92 -39.28
CA ARG B 149 19.07 -6.84 -40.24
C ARG B 149 17.88 -6.19 -40.96
N CYS B 150 18.12 -5.01 -41.52
CA CYS B 150 17.11 -4.35 -42.34
C CYS B 150 16.85 -5.15 -43.62
N PRO B 151 15.67 -4.97 -44.22
CA PRO B 151 15.38 -5.61 -45.52
C PRO B 151 16.30 -5.11 -46.62
N PRO B 152 16.29 -5.77 -47.78
CA PRO B 152 17.05 -5.25 -48.93
C PRO B 152 16.74 -3.78 -49.19
N ALA B 153 17.79 -2.98 -49.38
CA ALA B 153 17.70 -1.52 -49.38
C ALA B 153 16.79 -0.96 -50.47
N ASP B 154 16.41 -1.75 -51.47
CA ASP B 154 15.63 -1.24 -52.60
C ASP B 154 14.23 -1.84 -52.65
N GLU B 155 13.78 -2.46 -51.57
CA GLU B 155 12.49 -3.14 -51.47
C GLU B 155 11.38 -2.12 -51.21
N PRO B 156 10.20 -2.27 -51.83
CA PRO B 156 9.09 -1.36 -51.50
C PRO B 156 8.55 -1.63 -50.10
N VAL B 157 8.39 -0.55 -49.32
CA VAL B 157 8.03 -0.70 -47.91
C VAL B 157 6.55 -1.00 -47.70
N THR B 158 5.73 -0.96 -48.76
CA THR B 158 4.32 -1.31 -48.58
C THR B 158 4.16 -2.81 -48.35
N ASN B 159 4.98 -3.62 -49.02
CA ASN B 159 4.87 -5.07 -48.95
C ASN B 159 5.55 -5.65 -47.72
N LEU B 160 6.31 -4.85 -46.99
CA LEU B 160 7.07 -5.35 -45.85
C LEU B 160 6.15 -5.76 -44.70
N SER B 161 6.58 -6.76 -43.94
CA SER B 161 5.87 -7.20 -42.75
C SER B 161 6.10 -6.23 -41.59
N GLY B 162 5.35 -6.45 -40.51
CA GLY B 162 5.44 -5.58 -39.35
C GLY B 162 6.82 -5.52 -38.74
N GLY B 163 7.52 -6.66 -38.67
CA GLY B 163 8.86 -6.66 -38.12
C GLY B 163 9.86 -5.92 -38.98
N GLU B 164 9.77 -6.13 -40.30
CA GLU B 164 10.65 -5.41 -41.23
C GLU B 164 10.40 -3.91 -41.17
N ARG B 165 9.12 -3.51 -41.15
CA ARG B 165 8.78 -2.10 -41.02
C ARG B 165 9.31 -1.52 -39.71
N ARG B 166 9.19 -2.28 -38.63
CA ARG B 166 9.69 -1.82 -37.33
C ARG B 166 11.20 -1.62 -37.35
N ARG B 167 11.93 -2.56 -37.97
CA ARG B 167 13.39 -2.42 -38.05
C ARG B 167 13.78 -1.20 -38.90
N VAL B 168 13.06 -0.99 -40.01
CA VAL B 168 13.34 0.17 -40.85
C VAL B 168 13.08 1.46 -40.09
N ALA B 169 11.98 1.51 -39.35
CA ALA B 169 11.66 2.70 -38.57
C ALA B 169 12.72 2.96 -37.52
N LEU B 170 13.15 1.91 -36.82
CA LEU B 170 14.19 2.07 -35.80
C LEU B 170 15.49 2.59 -36.42
N CYS B 171 15.88 2.06 -37.59
CA CYS B 171 17.09 2.54 -38.25
C CYS B 171 16.98 4.02 -38.62
N LYS B 172 15.87 4.38 -39.26
CA LYS B 172 15.62 5.79 -39.58
C LYS B 172 15.73 6.68 -38.35
N LEU B 173 15.09 6.25 -37.26
CA LEU B 173 15.08 7.04 -36.02
C LEU B 173 16.49 7.18 -35.45
N LEU B 174 17.25 6.09 -35.42
CA LEU B 174 18.61 6.15 -34.91
C LEU B 174 19.47 7.09 -35.73
N LEU B 175 19.27 7.12 -37.04
CA LEU B 175 20.08 8.00 -37.87
C LEU B 175 19.60 9.44 -37.86
N SER B 176 18.35 9.71 -37.46
CA SER B 176 17.90 11.09 -37.32
C SER B 176 18.48 11.79 -36.09
N LYS B 177 19.04 11.03 -35.14
CA LYS B 177 19.74 11.53 -33.95
C LYS B 177 19.01 12.70 -33.27
N PRO B 178 17.82 12.46 -32.72
CA PRO B 178 17.14 13.53 -31.98
C PRO B 178 17.84 13.81 -30.65
N ASP B 179 17.55 14.98 -30.10
CA ASP B 179 18.07 15.33 -28.79
C ASP B 179 17.31 14.63 -27.68
N LEU B 180 16.01 14.36 -27.89
CA LEU B 180 15.21 13.52 -27.01
C LEU B 180 14.72 12.33 -27.83
N LEU B 181 15.18 11.13 -27.46
CA LEU B 181 14.86 9.90 -28.16
C LEU B 181 13.92 9.05 -27.30
N LEU B 182 12.75 8.72 -27.86
CA LEU B 182 11.72 7.99 -27.13
C LEU B 182 11.51 6.63 -27.77
N LEU B 183 11.69 5.57 -27.00
CA LEU B 183 11.66 4.20 -27.51
C LEU B 183 10.62 3.39 -26.73
N ASP B 184 9.64 2.84 -27.45
CA ASP B 184 8.58 2.00 -26.88
C ASP B 184 8.85 0.55 -27.26
N GLU B 185 9.37 -0.21 -26.29
CA GLU B 185 9.76 -1.61 -26.47
C GLU B 185 10.71 -1.77 -27.67
N PRO B 186 11.90 -1.17 -27.63
CA PRO B 186 12.76 -1.15 -28.82
C PRO B 186 13.29 -2.52 -29.20
N THR B 187 13.37 -3.47 -28.27
CA THR B 187 13.89 -4.79 -28.58
C THR B 187 12.87 -5.69 -29.28
N ASN B 188 11.65 -5.22 -29.49
CA ASN B 188 10.66 -6.02 -30.22
C ASN B 188 11.12 -6.26 -31.65
N HIS B 189 10.98 -7.51 -32.10
CA HIS B 189 11.35 -7.94 -33.44
C HIS B 189 12.85 -7.84 -33.71
N LEU B 190 13.67 -7.82 -32.67
CA LEU B 190 15.12 -7.88 -32.81
C LEU B 190 15.64 -9.20 -32.28
N ASP B 191 16.60 -9.77 -32.99
CA ASP B 191 17.33 -10.95 -32.52
C ASP B 191 18.38 -10.53 -31.50
N ALA B 192 18.89 -11.53 -30.77
CA ALA B 192 19.75 -11.25 -29.61
C ALA B 192 20.98 -10.45 -29.99
N GLU B 193 21.62 -10.78 -31.12
CA GLU B 193 22.82 -10.03 -31.51
C GLU B 193 22.47 -8.61 -31.96
N SER B 194 21.32 -8.44 -32.59
CA SER B 194 20.85 -7.10 -32.92
C SER B 194 20.56 -6.29 -31.67
N VAL B 195 19.99 -6.93 -30.64
CA VAL B 195 19.77 -6.24 -29.37
C VAL B 195 21.09 -5.84 -28.73
N GLN B 196 22.09 -6.73 -28.82
CA GLN B 196 23.42 -6.41 -28.32
C GLN B 196 23.98 -5.18 -29.02
N TRP B 197 23.87 -5.14 -30.36
CA TRP B 197 24.38 -3.98 -31.08
C TRP B 197 23.61 -2.72 -30.72
N LEU B 198 22.29 -2.82 -30.57
CA LEU B 198 21.50 -1.64 -30.24
C LEU B 198 21.88 -1.10 -28.88
N GLU B 199 22.11 -2.00 -27.92
CA GLU B 199 22.51 -1.59 -26.58
C GLU B 199 23.88 -0.93 -26.59
N GLN B 200 24.85 -1.53 -27.28
CA GLN B 200 26.17 -0.92 -27.35
C GLN B 200 26.14 0.42 -28.07
N HIS B 201 25.25 0.57 -29.06
CA HIS B 201 25.14 1.82 -29.79
C HIS B 201 24.52 2.91 -28.93
N LEU B 202 23.44 2.58 -28.22
CA LEU B 202 22.77 3.59 -27.40
C LEU B 202 23.54 3.92 -26.13
N ALA B 203 24.48 3.06 -25.73
CA ALA B 203 25.32 3.40 -24.58
C ALA B 203 26.13 4.66 -24.85
N SER B 204 26.65 4.80 -26.07
CA SER B 204 27.40 5.98 -26.47
C SER B 204 26.53 7.06 -27.10
N TYR B 205 25.21 6.87 -27.12
CA TYR B 205 24.31 7.82 -27.77
C TYR B 205 24.36 9.16 -27.04
N PRO B 206 24.40 10.29 -27.78
CA PRO B 206 24.59 11.59 -27.11
C PRO B 206 23.32 12.15 -26.48
N GLY B 207 22.19 12.05 -27.17
CA GLY B 207 20.96 12.63 -26.69
C GLY B 207 20.38 11.89 -25.51
N ALA B 208 19.26 12.41 -25.02
CA ALA B 208 18.53 11.77 -23.93
C ALA B 208 17.61 10.70 -24.47
N ILE B 209 17.42 9.64 -23.69
CA ILE B 209 16.64 8.49 -24.10
C ILE B 209 15.62 8.14 -23.02
N LEU B 210 14.37 7.97 -23.43
CA LEU B 210 13.34 7.34 -22.62
C LEU B 210 12.98 6.02 -23.29
N ALA B 211 13.37 4.92 -22.66
CA ALA B 211 13.17 3.58 -23.22
C ALA B 211 12.24 2.77 -22.32
N VAL B 212 11.07 2.41 -22.84
CA VAL B 212 10.15 1.51 -22.16
C VAL B 212 10.48 0.09 -22.62
N THR B 213 11.12 -0.70 -21.76
CA THR B 213 11.50 -2.04 -22.15
C THR B 213 11.64 -2.92 -20.91
N HIS B 214 11.36 -4.21 -21.11
CA HIS B 214 11.59 -5.23 -20.10
C HIS B 214 12.93 -5.94 -20.31
N ASP B 215 13.76 -5.46 -21.23
CA ASP B 215 15.06 -6.06 -21.50
C ASP B 215 16.03 -5.63 -20.40
N ARG B 216 16.37 -6.57 -19.51
CA ARG B 216 17.07 -6.21 -18.27
C ARG B 216 18.53 -5.83 -18.52
N TYR B 217 19.20 -6.47 -19.48
CA TYR B 217 20.55 -6.08 -19.82
C TYR B 217 20.57 -4.66 -20.39
N PHE B 218 19.54 -4.29 -21.14
CA PHE B 218 19.40 -2.91 -21.60
C PHE B 218 19.28 -1.95 -20.42
N LEU B 219 18.43 -2.28 -19.45
CA LEU B 219 18.25 -1.43 -18.29
C LEU B 219 19.49 -1.36 -17.41
N ASP B 220 20.37 -2.36 -17.48
CA ASP B 220 21.57 -2.37 -16.66
C ASP B 220 22.76 -1.71 -17.35
N ASN B 221 22.78 -1.70 -18.68
CA ASN B 221 23.93 -1.20 -19.42
C ASN B 221 23.67 0.13 -20.12
N VAL B 222 22.43 0.61 -20.16
CA VAL B 222 22.09 1.86 -20.82
C VAL B 222 21.50 2.88 -19.85
N ALA B 223 20.61 2.45 -18.98
CA ALA B 223 19.87 3.38 -18.13
C ALA B 223 20.76 3.98 -17.05
N GLU B 224 20.62 5.29 -16.85
CA GLU B 224 21.16 5.96 -15.68
C GLU B 224 20.11 6.21 -14.62
N TRP B 225 18.83 6.23 -14.99
CA TRP B 225 17.71 6.29 -14.06
C TRP B 225 16.71 5.20 -14.42
N ILE B 226 16.03 4.69 -13.40
CA ILE B 226 14.94 3.74 -13.60
C ILE B 226 13.66 4.40 -13.13
N LEU B 227 12.76 4.67 -14.08
CA LEU B 227 11.48 5.32 -13.79
C LEU B 227 10.41 4.24 -13.70
N GLU B 228 9.96 3.96 -12.48
CA GLU B 228 8.94 2.96 -12.24
C GLU B 228 7.57 3.63 -12.25
N LEU B 229 6.68 3.16 -13.12
CA LEU B 229 5.32 3.67 -13.21
C LEU B 229 4.35 2.67 -12.60
N ASP B 230 3.38 3.17 -11.84
CA ASP B 230 2.39 2.32 -11.19
C ASP B 230 1.12 3.14 -11.00
N ARG B 231 0.05 2.74 -11.69
CA ARG B 231 -1.28 3.36 -11.61
C ARG B 231 -1.18 4.89 -11.61
N GLY B 232 -0.40 5.41 -12.54
CA GLY B 232 -0.27 6.83 -12.78
C GLY B 232 0.75 7.57 -11.95
N ARG B 233 1.33 6.94 -10.93
CA ARG B 233 2.40 7.57 -10.18
C ARG B 233 3.76 7.15 -10.73
N ALA B 234 4.74 8.05 -10.62
CA ALA B 234 6.07 7.83 -11.17
C ALA B 234 7.09 7.86 -10.02
N TYR B 235 7.88 6.80 -9.90
CA TYR B 235 8.89 6.69 -8.86
C TYR B 235 10.26 6.60 -9.51
N PRO B 236 11.04 7.68 -9.52
CA PRO B 236 12.39 7.60 -10.07
C PRO B 236 13.39 7.00 -9.10
N TYR B 237 14.24 6.12 -9.63
CA TYR B 237 15.35 5.53 -8.89
C TYR B 237 16.64 5.88 -9.63
N GLU B 238 17.57 6.52 -8.94
CA GLU B 238 18.85 6.86 -9.55
C GLU B 238 19.72 5.62 -9.65
N GLY B 239 20.33 5.42 -10.81
CA GLY B 239 21.17 4.28 -11.07
C GLY B 239 20.62 3.41 -12.18
N ASN B 240 21.39 2.37 -12.50
CA ASN B 240 20.99 1.41 -13.53
C ASN B 240 20.05 0.37 -12.91
N TYR B 241 19.84 -0.73 -13.64
CA TYR B 241 18.88 -1.74 -13.20
C TYR B 241 19.34 -2.41 -11.90
N SER B 242 20.64 -2.72 -11.78
CA SER B 242 21.13 -3.36 -10.57
C SER B 242 21.01 -2.43 -9.36
N THR B 243 21.38 -1.16 -9.51
CA THR B 243 21.22 -0.20 -8.44
C THR B 243 19.75 -0.05 -8.07
N TYR B 244 18.88 -0.10 -9.08
CA TYR B 244 17.44 -0.07 -8.84
C TYR B 244 17.00 -1.27 -8.00
N LEU B 245 17.52 -2.46 -8.31
CA LEU B 245 17.21 -3.64 -7.52
C LEU B 245 17.64 -3.45 -6.07
N GLU B 246 18.87 -2.98 -5.87
CA GLU B 246 19.38 -2.76 -4.52
C GLU B 246 18.48 -1.79 -3.74
N LYS B 247 18.18 -0.64 -4.34
CA LYS B 247 17.39 0.38 -3.64
C LYS B 247 15.97 -0.08 -3.37
N LYS B 248 15.33 -0.75 -4.34
CA LYS B 248 13.97 -1.24 -4.12
C LYS B 248 13.95 -2.29 -3.02
N ALA B 249 14.93 -3.20 -3.01
CA ALA B 249 14.99 -4.20 -1.95
C ALA B 249 15.16 -3.53 -0.59
N GLU B 250 15.94 -2.45 -0.53
CA GLU B 250 16.11 -1.76 0.75
C GLU B 250 14.82 -1.08 1.19
N ARG B 251 14.08 -0.47 0.24
CA ARG B 251 12.82 0.16 0.61
C ARG B 251 11.82 -0.89 1.11
N LEU B 252 11.81 -2.06 0.49
CA LEU B 252 10.97 -3.15 0.96
C LEU B 252 11.38 -3.61 2.35
N ALA B 253 12.68 -3.72 2.61
CA ALA B 253 13.15 -4.16 3.92
C ALA B 253 12.76 -3.18 5.01
N VAL B 254 12.89 -1.88 4.74
CA VAL B 254 12.52 -0.86 5.73
C VAL B 254 11.02 -0.92 6.03
N GLN B 255 10.20 -0.90 4.97
CA GLN B 255 8.75 -0.99 5.18
C GLN B 255 8.38 -2.27 5.91
N GLY B 256 9.10 -3.36 5.65
CA GLY B 256 8.82 -4.61 6.33
C GLY B 256 9.17 -4.58 7.81
N ARG B 257 10.29 -3.93 8.15
CA ARG B 257 10.63 -3.78 9.57
C ARG B 257 9.56 -2.97 10.30
N LYS B 258 9.09 -1.90 9.68
CA LYS B 258 8.00 -1.12 10.26
C LYS B 258 6.75 -1.99 10.45
N ASP B 259 6.40 -2.76 9.42
CA ASP B 259 5.22 -3.62 9.49
C ASP B 259 5.38 -4.69 10.56
N ALA B 260 6.62 -5.17 10.80
CA ALA B 260 6.84 -6.15 11.85
C ALA B 260 6.65 -5.55 13.24
N LYS B 261 7.13 -4.31 13.43
CA LYS B 261 6.82 -3.60 14.67
C LYS B 261 5.32 -3.52 14.89
N LEU B 262 4.59 -3.07 13.86
CA LEU B 262 3.14 -2.95 13.96
C LEU B 262 2.50 -4.31 14.21
N GLN B 263 3.08 -5.37 13.64
CA GLN B 263 2.56 -6.72 13.81
C GLN B 263 2.66 -7.17 15.26
N LYS B 264 3.82 -6.94 15.89
CA LYS B 264 3.97 -7.34 17.28
C LYS B 264 3.02 -6.53 18.17
N ARG B 265 2.86 -5.24 17.88
CA ARG B 265 1.93 -4.43 18.68
C ARG B 265 0.47 -4.89 18.49
N LEU B 266 0.06 -5.20 17.26
CA LEU B 266 -1.30 -5.68 17.05
C LEU B 266 -1.53 -7.02 17.76
N THR B 267 -0.52 -7.89 17.72
CA THR B 267 -0.65 -9.19 18.36
C THR B 267 -0.70 -9.06 19.88
N GLU B 268 0.09 -8.14 20.45
CA GLU B 268 -0.01 -7.93 21.89
C GLU B 268 -1.39 -7.42 22.26
N GLU B 269 -1.96 -6.53 21.44
CA GLU B 269 -3.29 -6.01 21.75
C GLU B 269 -4.35 -7.12 21.68
N LEU B 270 -4.27 -7.98 20.66
CA LEU B 270 -5.22 -9.09 20.56
C LEU B 270 -5.05 -10.06 21.72
N ALA B 271 -3.81 -10.45 22.03
CA ALA B 271 -3.57 -11.33 23.17
C ALA B 271 -4.11 -10.74 24.46
N TRP B 272 -3.95 -9.44 24.66
CA TRP B 272 -4.48 -8.82 25.87
C TRP B 272 -5.99 -8.89 25.91
N VAL B 273 -6.66 -8.51 24.82
CA VAL B 273 -8.12 -8.47 24.86
C VAL B 273 -8.68 -9.88 25.05
N ARG B 274 -7.98 -10.89 24.54
CA ARG B 274 -8.45 -12.26 24.68
C ARG B 274 -8.12 -12.89 26.04
N SER B 275 -7.32 -12.23 26.87
CA SER B 275 -6.90 -12.86 28.12
C SER B 275 -7.91 -12.66 29.24
N GLY B 276 -7.84 -13.56 30.22
CA GLY B 276 -8.66 -13.50 31.41
C GLY B 276 -8.19 -12.50 32.45
N ALA B 277 -8.97 -12.42 33.54
CA ALA B 277 -8.63 -11.55 34.66
C ALA B 277 -7.41 -12.05 35.43
N LYS B 278 -7.23 -13.36 35.52
CA LYS B 278 -6.10 -13.92 36.26
C LYS B 278 -4.79 -13.51 35.61
N ALA B 279 -4.67 -13.69 34.30
CA ALA B 279 -3.45 -13.31 33.60
C ALA B 279 -3.24 -11.81 33.64
N ARG B 280 -4.32 -11.02 33.64
CA ARG B 280 -4.15 -9.57 33.73
C ARG B 280 -3.60 -9.15 35.09
N GLN B 281 -4.05 -9.79 36.19
CA GLN B 281 -3.46 -9.40 37.47
C GLN B 281 -2.04 -9.93 37.57
N ALA B 282 -1.77 -11.08 36.97
CA ALA B 282 -0.41 -11.61 36.95
C ALA B 282 0.52 -10.62 36.27
N LYS B 283 0.08 -10.09 35.12
CA LYS B 283 0.90 -9.18 34.33
C LYS B 283 1.12 -7.86 35.07
N SER B 284 0.07 -7.32 35.73
CA SER B 284 0.24 -6.04 36.40
C SER B 284 1.13 -6.16 37.63
N LYS B 285 0.94 -7.20 38.44
CA LYS B 285 1.83 -7.35 39.59
C LYS B 285 3.25 -7.71 39.16
N ALA B 286 3.39 -8.47 38.07
CA ALA B 286 4.72 -8.73 37.54
C ALA B 286 5.41 -7.43 37.15
N ARG B 287 4.68 -6.53 36.49
CA ARG B 287 5.24 -5.21 36.22
C ARG B 287 5.68 -4.54 37.51
N LEU B 288 4.84 -4.62 38.55
CA LEU B 288 5.18 -4.00 39.82
C LEU B 288 6.42 -4.62 40.46
N GLN B 289 6.80 -5.83 40.06
CA GLN B 289 7.93 -6.52 40.69
C GLN B 289 9.22 -6.47 39.87
N ARG B 290 9.30 -5.68 38.80
CA ARG B 290 10.44 -5.75 37.88
C ARG B 290 10.86 -4.35 37.39
N TYR B 291 10.96 -3.39 38.31
CA TYR B 291 11.41 -2.06 37.91
C TYR B 291 12.87 -2.05 37.45
N GLU B 292 13.75 -2.72 38.19
CA GLU B 292 15.18 -2.57 37.94
C GLU B 292 15.59 -3.26 36.64
N GLU B 293 15.00 -4.41 36.33
CA GLU B 293 15.29 -5.08 35.06
C GLU B 293 14.89 -4.20 33.88
N MET B 294 13.68 -3.64 33.93
CA MET B 294 13.23 -2.78 32.84
C MET B 294 14.07 -1.52 32.73
N ALA B 295 14.47 -0.94 33.87
CA ALA B 295 15.28 0.27 33.83
C ALA B 295 16.66 -0.01 33.24
N ALA B 296 17.31 -1.09 33.68
CA ALA B 296 18.61 -1.47 33.14
C ALA B 296 18.52 -1.72 31.63
N GLU B 297 17.46 -2.39 31.18
CA GLU B 297 17.32 -2.65 29.75
C GLU B 297 17.08 -1.35 28.98
N ALA B 298 16.15 -0.51 29.47
CA ALA B 298 15.79 0.71 28.76
C ALA B 298 16.94 1.72 28.72
N GLU B 299 17.84 1.68 29.69
CA GLU B 299 18.97 2.59 29.72
C GLU B 299 20.10 2.16 28.79
N LYS B 300 19.88 1.13 27.97
CA LYS B 300 20.82 0.78 26.91
C LYS B 300 20.63 1.63 25.66
N THR B 301 19.40 2.09 25.43
CA THR B 301 19.08 2.91 24.26
C THR B 301 19.52 4.34 24.49
N ARG B 302 20.06 4.96 23.43
CA ARG B 302 20.50 6.35 23.49
C ARG B 302 19.95 7.17 22.33
N LYS B 303 19.19 6.56 21.42
CA LYS B 303 18.48 7.28 20.37
C LYS B 303 17.29 6.44 19.94
N LEU B 304 16.23 7.11 19.51
CA LEU B 304 15.04 6.44 19.04
C LEU B 304 14.60 7.06 17.72
N ASP B 305 14.41 6.23 16.70
CA ASP B 305 13.72 6.66 15.49
C ASP B 305 12.23 6.63 15.84
N PHE B 306 11.65 7.81 16.05
CA PHE B 306 10.31 7.94 16.62
C PHE B 306 9.25 7.65 15.55
N GLU B 307 9.17 6.37 15.17
CA GLU B 307 8.10 5.95 14.28
C GLU B 307 6.78 5.77 15.03
N GLU B 308 6.84 5.31 16.28
CA GLU B 308 5.71 5.25 17.18
C GLU B 308 5.99 6.06 18.45
N ILE B 309 4.93 6.36 19.20
CA ILE B 309 5.11 6.99 20.50
C ILE B 309 5.89 6.06 21.42
N GLN B 310 6.99 6.57 21.97
CA GLN B 310 7.81 5.90 22.97
C GLN B 310 8.13 6.91 24.06
N ILE B 311 8.16 6.44 25.31
CA ILE B 311 8.46 7.31 26.45
C ILE B 311 9.91 7.04 26.87
N PRO B 312 10.84 7.95 26.60
CA PRO B 312 12.23 7.73 26.97
C PRO B 312 12.42 7.59 28.47
N VAL B 313 13.26 6.63 28.86
CA VAL B 313 13.51 6.40 30.28
C VAL B 313 14.11 7.64 30.93
N GLY B 314 13.71 7.90 32.17
CA GLY B 314 14.22 9.02 32.92
C GLY B 314 15.22 8.56 33.96
N PRO B 315 15.46 9.42 34.96
CA PRO B 315 16.38 9.05 36.04
C PRO B 315 15.90 7.82 36.80
N ARG B 316 16.84 7.14 37.45
CA ARG B 316 16.50 5.98 38.26
C ARG B 316 15.68 6.44 39.47
N LEU B 317 14.72 5.60 39.87
CA LEU B 317 13.84 5.90 40.98
C LEU B 317 14.32 5.21 42.25
N GLY B 318 14.16 5.91 43.38
CA GLY B 318 14.31 5.30 44.68
C GLY B 318 12.98 4.71 45.14
N ASN B 319 13.03 4.08 46.33
CA ASN B 319 11.84 3.41 46.85
C ASN B 319 10.72 4.39 47.15
N VAL B 320 11.07 5.62 47.55
CA VAL B 320 10.08 6.63 47.90
C VAL B 320 9.77 7.44 46.65
N VAL B 321 8.56 7.30 46.13
CA VAL B 321 8.13 8.02 44.94
C VAL B 321 7.20 9.16 45.36
N VAL B 322 5.95 8.81 45.68
CA VAL B 322 4.97 9.76 46.17
C VAL B 322 4.31 9.14 47.39
N GLU B 323 4.33 9.87 48.51
CA GLU B 323 3.70 9.42 49.75
C GLU B 323 2.71 10.49 50.19
N VAL B 324 1.43 10.12 50.23
CA VAL B 324 0.35 11.02 50.64
C VAL B 324 -0.20 10.53 51.97
N ASP B 325 -0.24 11.41 52.96
CA ASP B 325 -0.64 11.06 54.32
C ASP B 325 -1.71 12.03 54.80
N HIS B 326 -2.91 11.50 55.04
CA HIS B 326 -4.03 12.26 55.60
C HIS B 326 -4.20 13.61 54.90
N LEU B 327 -4.22 13.57 53.57
CA LEU B 327 -4.35 14.79 52.79
C LEU B 327 -5.76 15.38 52.90
N ASP B 328 -5.83 16.64 53.28
CA ASP B 328 -7.05 17.43 53.22
C ASP B 328 -6.80 18.60 52.28
N LYS B 329 -7.70 18.83 51.34
CA LYS B 329 -7.50 19.88 50.36
C LYS B 329 -8.86 20.34 49.82
N GLY B 330 -8.99 21.67 49.69
CA GLY B 330 -10.21 22.23 49.16
C GLY B 330 -10.00 23.70 48.83
N TYR B 331 -11.08 24.34 48.40
CA TYR B 331 -11.09 25.75 48.07
C TYR B 331 -12.30 26.41 48.70
N ASP B 332 -12.07 27.53 49.39
CA ASP B 332 -13.13 28.26 50.09
C ASP B 332 -13.76 27.28 51.08
N GLY B 333 -15.09 27.22 51.18
CA GLY B 333 -15.74 26.33 52.09
C GLY B 333 -16.01 24.93 51.57
N ARG B 334 -15.61 24.61 50.34
CA ARG B 334 -15.86 23.28 49.78
C ARG B 334 -14.58 22.47 49.82
N ALA B 335 -14.64 21.33 50.50
CA ALA B 335 -13.53 20.38 50.53
C ALA B 335 -13.62 19.45 49.34
N LEU B 336 -12.48 19.22 48.69
CA LEU B 336 -12.39 18.31 47.56
C LEU B 336 -11.84 16.95 47.95
N ILE B 337 -10.88 16.92 48.86
CA ILE B 337 -10.26 15.70 49.35
C ILE B 337 -10.18 15.81 50.87
N LYS B 338 -10.55 14.73 51.57
CA LYS B 338 -10.46 14.72 53.02
C LYS B 338 -9.85 13.40 53.48
N ASP B 339 -8.73 13.49 54.20
CA ASP B 339 -8.10 12.34 54.88
C ASP B 339 -7.75 11.23 53.90
N LEU B 340 -7.17 11.59 52.75
CA LEU B 340 -6.70 10.62 51.77
C LEU B 340 -5.24 10.26 52.06
N SER B 341 -4.96 8.95 52.12
CA SER B 341 -3.61 8.45 52.31
C SER B 341 -3.34 7.32 51.33
N PHE B 342 -2.20 7.37 50.65
CA PHE B 342 -1.74 6.26 49.84
C PHE B 342 -0.23 6.37 49.64
N SER B 343 0.37 5.24 49.26
CA SER B 343 1.77 5.18 48.85
C SER B 343 1.84 4.72 47.40
N LEU B 344 2.62 5.43 46.59
CA LEU B 344 2.79 5.07 45.18
C LEU B 344 3.99 4.16 45.03
N PRO B 345 3.82 2.89 44.67
CA PRO B 345 4.96 1.99 44.47
C PRO B 345 5.70 2.29 43.16
N ARG B 346 6.97 1.91 43.14
CA ARG B 346 7.75 2.00 41.92
C ARG B 346 7.15 1.12 40.83
N ASN B 347 7.19 1.61 39.59
CA ASN B 347 6.59 0.98 38.42
C ASN B 347 5.08 0.98 38.45
N GLY B 348 4.47 1.83 39.27
CA GLY B 348 3.03 1.86 39.41
C GLY B 348 2.37 2.83 38.43
N ILE B 349 1.21 2.41 37.91
CA ILE B 349 0.39 3.22 37.02
C ILE B 349 -0.95 3.42 37.70
N VAL B 350 -1.26 4.68 38.03
CA VAL B 350 -2.45 5.01 38.82
C VAL B 350 -3.47 5.65 37.88
N GLY B 351 -4.66 5.07 37.83
CA GLY B 351 -5.77 5.69 37.14
C GLY B 351 -6.63 6.49 38.08
N VAL B 352 -6.77 7.78 37.81
CA VAL B 352 -7.60 8.66 38.61
C VAL B 352 -8.93 8.84 37.89
N ILE B 353 -10.02 8.47 38.56
CA ILE B 353 -11.34 8.50 37.95
C ILE B 353 -12.30 9.28 38.85
N GLY B 354 -13.26 9.93 38.21
CA GLY B 354 -14.29 10.67 38.92
C GLY B 354 -15.00 11.65 38.01
N PRO B 355 -16.18 12.09 38.44
CA PRO B 355 -16.94 13.07 37.66
C PRO B 355 -16.27 14.43 37.56
N ASN B 356 -16.87 15.33 36.78
CA ASN B 356 -16.28 16.64 36.53
C ASN B 356 -16.33 17.52 37.77
N GLY B 357 -15.19 18.11 38.11
CA GLY B 357 -15.15 19.13 39.16
C GLY B 357 -14.99 18.61 40.57
N VAL B 358 -14.45 17.41 40.76
CA VAL B 358 -14.29 16.86 42.10
C VAL B 358 -12.88 17.01 42.65
N GLY B 359 -11.89 17.35 41.83
CA GLY B 359 -10.56 17.63 42.36
C GLY B 359 -9.40 16.85 41.78
N LYS B 360 -9.55 16.31 40.58
CA LYS B 360 -8.48 15.49 40.00
C LYS B 360 -7.28 16.34 39.59
N THR B 361 -7.52 17.41 38.84
CA THR B 361 -6.43 18.30 38.45
C THR B 361 -5.85 19.01 39.67
N THR B 362 -6.69 19.26 40.69
CA THR B 362 -6.19 19.82 41.93
C THR B 362 -5.22 18.85 42.62
N LEU B 363 -5.51 17.55 42.56
CA LEU B 363 -4.56 16.57 43.09
C LEU B 363 -3.26 16.59 42.32
N PHE B 364 -3.35 16.67 40.99
CA PHE B 364 -2.13 16.81 40.18
C PHE B 364 -1.31 18.02 40.62
N LYS B 365 -1.95 19.17 40.78
CA LYS B 365 -1.20 20.38 41.14
C LYS B 365 -0.63 20.30 42.55
N THR B 366 -1.32 19.62 43.47
CA THR B 366 -0.76 19.43 44.81
C THR B 366 0.48 18.53 44.75
N ILE B 367 0.44 17.49 43.91
CA ILE B 367 1.61 16.63 43.77
C ILE B 367 2.78 17.42 43.20
N VAL B 368 2.54 18.19 42.14
CA VAL B 368 3.62 19.00 41.58
C VAL B 368 3.99 20.15 42.51
N GLY B 369 3.10 20.54 43.42
CA GLY B 369 3.38 21.58 44.39
C GLY B 369 2.90 22.97 44.04
N LEU B 370 2.23 23.15 42.89
CA LEU B 370 1.62 24.45 42.62
C LEU B 370 0.53 24.79 43.62
N GLU B 371 -0.10 23.78 44.20
CA GLU B 371 -1.05 23.97 45.29
C GLU B 371 -0.54 23.25 46.52
N THR B 372 -0.86 23.79 47.69
CA THR B 372 -0.40 23.16 48.91
C THR B 372 -1.57 22.58 49.68
N PRO B 373 -1.35 21.50 50.43
CA PRO B 373 -2.43 20.94 51.25
C PRO B 373 -2.86 21.92 52.34
N ASP B 374 -4.14 21.88 52.67
CA ASP B 374 -4.63 22.54 53.87
C ASP B 374 -4.33 21.74 55.12
N SER B 375 -4.14 20.43 54.98
CA SER B 375 -3.74 19.55 56.07
C SER B 375 -3.15 18.29 55.47
N GLY B 376 -2.35 17.58 56.25
CA GLY B 376 -1.68 16.40 55.77
C GLY B 376 -0.38 16.71 55.06
N SER B 377 0.16 15.70 54.41
CA SER B 377 1.46 15.82 53.74
C SER B 377 1.43 15.11 52.39
N VAL B 378 2.07 15.74 51.41
CA VAL B 378 2.39 15.11 50.12
C VAL B 378 3.89 15.18 49.96
N LYS B 379 4.56 14.03 50.06
CA LYS B 379 6.00 13.97 49.98
C LYS B 379 6.41 13.30 48.67
N VAL B 380 7.27 13.97 47.93
CA VAL B 380 7.78 13.46 46.65
C VAL B 380 9.26 13.19 46.82
N GLY B 381 9.69 11.99 46.41
CA GLY B 381 11.05 11.58 46.66
C GLY B 381 12.06 12.49 45.99
N GLU B 382 13.24 12.61 46.63
CA GLU B 382 14.32 13.41 46.08
C GLU B 382 14.83 12.84 44.76
N THR B 383 14.58 11.56 44.51
CA THR B 383 14.96 10.91 43.27
C THR B 383 13.95 11.14 42.13
N VAL B 384 12.81 11.77 42.42
CA VAL B 384 11.73 11.88 41.45
C VAL B 384 11.97 13.07 40.55
N LYS B 385 11.74 12.87 39.25
CA LYS B 385 11.70 13.96 38.27
C LYS B 385 10.36 13.93 37.56
N LEU B 386 9.64 15.06 37.59
CA LEU B 386 8.30 15.14 37.05
C LEU B 386 8.30 15.50 35.57
N SER B 387 7.45 14.81 34.81
CA SER B 387 7.07 15.21 33.46
C SER B 387 5.62 15.68 33.57
N TYR B 388 5.41 16.98 33.36
CA TYR B 388 4.09 17.54 33.63
C TYR B 388 3.94 18.87 32.91
N VAL B 389 2.78 19.06 32.28
CA VAL B 389 2.38 20.33 31.73
C VAL B 389 0.98 20.66 32.25
N ASP B 390 0.75 21.91 32.60
CA ASP B 390 -0.58 22.35 33.02
C ASP B 390 -1.57 22.17 31.87
N GLN B 391 -2.74 21.63 32.19
CA GLN B 391 -3.75 21.37 31.17
C GLN B 391 -4.14 22.65 30.43
N ALA B 392 -4.06 23.80 31.09
CA ALA B 392 -4.44 25.08 30.52
C ALA B 392 -3.24 25.84 29.95
N ARG B 393 -2.17 25.14 29.63
CA ARG B 393 -0.95 25.80 29.14
C ARG B 393 -1.23 26.56 27.84
N ALA B 394 -0.92 27.85 27.85
CA ALA B 394 -1.10 28.71 26.69
C ALA B 394 0.21 29.42 26.39
N GLY B 395 0.52 29.54 25.10
CA GLY B 395 1.76 30.18 24.67
C GLY B 395 1.58 31.69 24.56
N ILE B 396 2.57 32.42 25.09
CA ILE B 396 2.48 33.87 25.06
C ILE B 396 2.86 34.41 23.69
N ASP B 397 3.53 33.59 22.87
CA ASP B 397 3.89 33.95 21.50
C ASP B 397 2.95 33.21 20.55
N PRO B 398 1.92 33.86 20.02
CA PRO B 398 0.97 33.14 19.15
C PRO B 398 1.55 32.73 17.81
N ARG B 399 2.69 33.31 17.39
CA ARG B 399 3.25 33.06 16.07
C ARG B 399 4.03 31.75 15.99
N LYS B 400 4.54 31.26 17.11
CA LYS B 400 5.30 30.02 17.13
C LYS B 400 4.45 28.85 16.62
N THR B 401 5.01 28.08 15.69
CA THR B 401 4.33 26.92 15.15
C THR B 401 4.49 25.74 16.10
N VAL B 402 3.66 24.70 15.88
CA VAL B 402 3.67 23.51 16.74
C VAL B 402 5.08 22.95 16.86
N TRP B 403 5.75 22.76 15.72
CA TRP B 403 7.10 22.21 15.74
C TRP B 403 8.07 23.17 16.41
N GLU B 404 7.92 24.48 16.17
CA GLU B 404 8.76 25.46 16.85
C GLU B 404 8.57 25.38 18.36
N VAL B 405 7.32 25.18 18.81
CA VAL B 405 7.04 25.11 20.24
C VAL B 405 7.67 23.86 20.85
N VAL B 406 7.54 22.71 20.19
CA VAL B 406 8.02 21.47 20.78
C VAL B 406 9.54 21.38 20.70
N SER B 407 10.11 21.71 19.54
CA SER B 407 11.51 21.44 19.25
C SER B 407 12.45 22.57 19.65
N ASP B 408 11.93 23.76 19.92
CA ASP B 408 12.72 24.97 20.12
C ASP B 408 13.64 25.26 18.93
N GLY B 409 13.28 24.77 17.74
CA GLY B 409 14.05 24.99 16.54
C GLY B 409 15.10 23.94 16.24
N LEU B 410 15.28 22.96 17.12
CA LEU B 410 16.33 21.96 16.98
C LEU B 410 15.82 20.75 16.23
N ASP B 411 16.68 20.20 15.37
CA ASP B 411 16.37 18.97 14.64
C ASP B 411 16.31 17.76 15.55
N TYR B 412 16.97 17.80 16.70
CA TYR B 412 17.01 16.68 17.65
C TYR B 412 16.67 17.16 19.04
N ILE B 413 15.87 16.37 19.76
CA ILE B 413 15.44 16.69 21.11
C ILE B 413 16.11 15.72 22.06
N GLN B 414 16.74 16.25 23.10
CA GLN B 414 17.30 15.43 24.17
C GLN B 414 16.22 15.20 25.23
N VAL B 415 15.95 13.93 25.53
CA VAL B 415 15.02 13.54 26.58
C VAL B 415 15.78 12.59 27.49
N GLY B 416 16.30 13.10 28.59
CA GLY B 416 17.22 12.31 29.38
C GLY B 416 18.41 11.94 28.53
N GLN B 417 18.75 10.65 28.54
CA GLN B 417 19.86 10.12 27.74
C GLN B 417 19.46 9.80 26.30
N THR B 418 18.21 10.02 25.92
CA THR B 418 17.71 9.60 24.62
C THR B 418 17.62 10.78 23.66
N GLU B 419 18.03 10.55 22.41
CA GLU B 419 17.93 11.52 21.33
C GLU B 419 16.81 11.13 20.37
N VAL B 420 15.90 12.07 20.11
CA VAL B 420 14.79 11.84 19.21
C VAL B 420 14.81 12.90 18.11
N PRO B 421 14.60 12.53 16.85
CA PRO B 421 14.45 13.56 15.80
C PRO B 421 13.14 14.31 15.96
N SER B 422 13.25 15.64 16.01
CA SER B 422 12.11 16.46 16.42
C SER B 422 10.95 16.36 15.44
N ARG B 423 11.25 16.34 14.14
CA ARG B 423 10.18 16.26 13.14
C ARG B 423 9.36 14.99 13.33
N ALA B 424 10.05 13.85 13.45
CA ALA B 424 9.36 12.58 13.68
C ALA B 424 8.65 12.56 15.02
N TYR B 425 9.27 13.12 16.06
CA TYR B 425 8.64 13.17 17.37
C TYR B 425 7.30 13.91 17.30
N VAL B 426 7.30 15.11 16.73
CA VAL B 426 6.07 15.88 16.62
C VAL B 426 5.09 15.20 15.67
N SER B 427 5.59 14.45 14.68
CA SER B 427 4.70 13.72 13.78
C SER B 427 3.98 12.59 14.50
N ALA B 428 4.63 11.97 15.48
CA ALA B 428 4.03 10.85 16.20
C ALA B 428 2.76 11.24 16.95
N PHE B 429 2.58 12.52 17.28
CA PHE B 429 1.41 12.98 18.02
C PHE B 429 0.32 13.54 17.12
N GLY B 430 0.33 13.19 15.82
CA GLY B 430 -0.73 13.56 14.91
C GLY B 430 -0.51 14.85 14.14
N PHE B 431 0.61 15.52 14.33
CA PHE B 431 0.95 16.70 13.55
C PHE B 431 1.82 16.24 12.39
N LYS B 432 1.19 15.98 11.25
CA LYS B 432 1.87 15.43 10.08
C LYS B 432 1.89 16.47 8.97
N GLY B 433 3.06 16.66 8.37
CA GLY B 433 3.23 17.60 7.29
C GLY B 433 2.97 19.03 7.70
N PRO B 434 2.15 19.74 6.92
CA PRO B 434 1.95 21.17 7.16
C PRO B 434 1.23 21.49 8.46
N ASP B 435 0.59 20.51 9.11
CA ASP B 435 0.06 20.75 10.44
C ASP B 435 1.14 21.16 11.42
N GLN B 436 2.38 20.70 11.20
CA GLN B 436 3.49 21.09 12.06
C GLN B 436 3.81 22.58 11.96
N GLN B 437 3.42 23.23 10.86
CA GLN B 437 3.68 24.65 10.67
C GLN B 437 2.50 25.51 11.11
N LYS B 438 1.48 24.91 11.72
CA LYS B 438 0.32 25.66 12.15
C LYS B 438 0.68 26.49 13.39
N PRO B 439 0.37 27.78 13.42
CA PRO B 439 0.74 28.60 14.58
C PRO B 439 0.00 28.17 15.82
N ALA B 440 0.65 28.36 16.97
CA ALA B 440 0.06 27.92 18.24
C ALA B 440 -1.20 28.68 18.59
N GLY B 441 -1.34 29.91 18.10
CA GLY B 441 -2.50 30.72 18.46
C GLY B 441 -3.80 30.28 17.80
N VAL B 442 -3.73 29.51 16.73
CA VAL B 442 -4.90 29.11 15.97
C VAL B 442 -5.20 27.63 16.12
N LEU B 443 -4.69 27.01 17.18
CA LEU B 443 -4.92 25.59 17.41
C LEU B 443 -6.29 25.34 18.02
N SER B 444 -6.97 24.31 17.53
CA SER B 444 -8.21 23.88 18.16
C SER B 444 -7.92 23.26 19.53
N GLY B 445 -8.99 22.97 20.27
CA GLY B 445 -8.82 22.38 21.59
C GLY B 445 -8.08 21.05 21.53
N GLY B 446 -8.42 20.20 20.57
CA GLY B 446 -7.75 18.91 20.47
C GLY B 446 -6.30 19.04 20.03
N GLU B 447 -6.02 19.95 19.09
CA GLU B 447 -4.64 20.19 18.70
C GLU B 447 -3.82 20.70 19.88
N ARG B 448 -4.42 21.58 20.71
CA ARG B 448 -3.70 22.06 21.89
C ARG B 448 -3.48 20.93 22.88
N ASN B 449 -4.45 20.01 23.00
CA ASN B 449 -4.28 18.87 23.90
C ASN B 449 -3.12 18.00 23.47
N ARG B 450 -3.04 17.70 22.17
CA ARG B 450 -1.95 16.86 21.67
C ARG B 450 -0.61 17.58 21.77
N LEU B 451 -0.59 18.89 21.53
CA LEU B 451 0.63 19.67 21.73
C LEU B 451 1.10 19.58 23.18
N ASN B 452 0.17 19.73 24.12
CA ASN B 452 0.53 19.65 25.54
C ASN B 452 1.03 18.26 25.91
N LEU B 453 0.45 17.21 25.31
CA LEU B 453 0.94 15.86 25.59
C LEU B 453 2.37 15.69 25.09
N ALA B 454 2.65 16.14 23.86
CA ALA B 454 4.01 16.07 23.35
C ALA B 454 4.97 16.87 24.22
N LEU B 455 4.51 18.00 24.75
CA LEU B 455 5.35 18.79 25.65
C LEU B 455 5.60 18.05 26.95
N THR B 456 4.61 17.31 27.44
CA THR B 456 4.79 16.56 28.68
C THR B 456 5.81 15.43 28.49
N LEU B 457 5.70 14.70 27.38
CA LEU B 457 6.54 13.52 27.21
C LEU B 457 7.97 13.84 26.79
N LYS B 458 8.25 15.05 26.31
CA LYS B 458 9.64 15.34 25.95
C LYS B 458 10.47 15.72 27.15
N GLN B 459 9.86 15.86 28.32
CA GLN B 459 10.59 16.08 29.56
C GLN B 459 11.08 14.74 30.06
N GLY B 460 12.39 14.62 30.27
CA GLY B 460 12.88 13.44 30.93
C GLY B 460 12.23 13.32 32.29
N GLY B 461 11.78 12.13 32.65
CA GLY B 461 11.28 11.93 33.99
C GLY B 461 10.94 10.49 34.25
N ASN B 462 10.76 10.19 35.54
CA ASN B 462 10.34 8.88 36.01
C ASN B 462 8.94 8.88 36.61
N LEU B 463 8.32 10.05 36.74
CA LEU B 463 6.91 10.15 37.15
C LEU B 463 6.19 10.98 36.10
N ILE B 464 5.33 10.34 35.32
CA ILE B 464 4.63 10.99 34.22
C ILE B 464 3.21 11.31 34.68
N LEU B 465 2.82 12.58 34.57
CA LEU B 465 1.47 13.00 34.92
C LEU B 465 0.72 13.33 33.63
N LEU B 466 -0.38 12.60 33.40
CA LEU B 466 -1.17 12.74 32.19
C LEU B 466 -2.61 13.05 32.56
N ASP B 467 -3.13 14.14 32.00
CA ASP B 467 -4.51 14.57 32.24
C ASP B 467 -5.30 14.36 30.96
N GLU B 468 -6.11 13.30 30.95
CA GLU B 468 -6.89 12.89 29.78
C GLU B 468 -6.05 12.85 28.51
N PRO B 469 -5.00 12.01 28.46
CA PRO B 469 -4.13 11.99 27.27
C PRO B 469 -4.76 11.34 26.06
N THR B 470 -5.90 10.67 26.20
CA THR B 470 -6.55 10.03 25.07
C THR B 470 -7.31 11.01 24.18
N ASN B 471 -7.44 12.27 24.59
CA ASN B 471 -8.23 13.24 23.84
C ASN B 471 -7.68 13.43 22.43
N ASP B 472 -8.57 13.32 21.45
CA ASP B 472 -8.27 13.59 20.03
C ASP B 472 -7.26 12.60 19.45
N LEU B 473 -7.10 11.44 20.07
CA LEU B 473 -6.27 10.37 19.52
C LEU B 473 -7.17 9.32 18.87
N ASP B 474 -6.75 8.82 17.71
CA ASP B 474 -7.45 7.71 17.10
C ASP B 474 -7.04 6.38 17.76
N VAL B 475 -7.74 5.31 17.39
CA VAL B 475 -7.53 4.03 18.06
C VAL B 475 -6.11 3.53 17.86
N GLU B 476 -5.53 3.80 16.69
CA GLU B 476 -4.16 3.38 16.43
C GLU B 476 -3.18 4.08 17.36
N THR B 477 -3.26 5.41 17.44
CA THR B 477 -2.42 6.16 18.36
C THR B 477 -2.72 5.79 19.81
N LEU B 478 -3.96 5.38 20.10
CA LEU B 478 -4.29 4.91 21.44
C LEU B 478 -3.48 3.66 21.78
N GLY B 479 -3.49 2.67 20.89
CA GLY B 479 -2.66 1.49 21.11
C GLY B 479 -1.19 1.84 21.22
N SER B 480 -0.74 2.83 20.43
CA SER B 480 0.66 3.25 20.51
C SER B 480 1.01 3.79 21.89
N LEU B 481 0.15 4.67 22.43
CA LEU B 481 0.37 5.23 23.75
C LEU B 481 0.31 4.16 24.83
N GLU B 482 -0.62 3.22 24.70
CA GLU B 482 -0.67 2.08 25.61
C GLU B 482 0.65 1.34 25.64
N ASN B 483 1.14 0.94 24.45
CA ASN B 483 2.42 0.24 24.38
C ASN B 483 3.55 1.07 24.99
N ALA B 484 3.57 2.37 24.70
CA ALA B 484 4.60 3.24 25.26
C ALA B 484 4.58 3.21 26.79
N LEU B 485 3.39 3.24 27.39
CA LEU B 485 3.32 3.19 28.85
C LEU B 485 3.72 1.81 29.38
N LEU B 486 3.33 0.74 28.70
CA LEU B 486 3.66 -0.59 29.18
C LEU B 486 5.16 -0.88 29.14
N ASN B 487 5.93 -0.13 28.34
CA ASN B 487 7.37 -0.30 28.26
C ASN B 487 8.14 0.74 29.07
N PHE B 488 7.43 1.61 29.81
CA PHE B 488 8.07 2.71 30.52
C PHE B 488 8.54 2.26 31.90
N PRO B 489 9.80 2.52 32.27
CA PRO B 489 10.28 2.04 33.57
C PRO B 489 9.79 2.85 34.77
N GLY B 490 9.51 4.14 34.62
CA GLY B 490 9.08 4.93 35.75
C GLY B 490 7.64 4.71 36.20
N CYS B 491 7.09 5.67 36.93
CA CYS B 491 5.71 5.65 37.40
C CYS B 491 4.88 6.67 36.64
N ALA B 492 3.57 6.46 36.63
CA ALA B 492 2.67 7.40 35.96
C ALA B 492 1.35 7.49 36.70
N VAL B 493 0.80 8.70 36.76
CA VAL B 493 -0.55 8.95 37.27
C VAL B 493 -1.36 9.52 36.12
N VAL B 494 -2.49 8.87 35.81
CA VAL B 494 -3.24 9.14 34.61
C VAL B 494 -4.70 9.38 34.96
N ILE B 495 -5.23 10.52 34.52
CA ILE B 495 -6.66 10.81 34.57
C ILE B 495 -7.25 10.49 33.20
N SER B 496 -8.32 9.70 33.18
CA SER B 496 -8.91 9.31 31.90
C SER B 496 -10.31 8.74 32.12
N HIS B 497 -11.15 8.91 31.10
CA HIS B 497 -12.44 8.24 31.04
C HIS B 497 -12.41 7.01 30.12
N ASP B 498 -11.31 6.79 29.41
CA ASP B 498 -11.17 5.65 28.51
C ASP B 498 -10.92 4.41 29.34
N ARG B 499 -11.93 3.55 29.45
CA ARG B 499 -11.84 2.38 30.32
C ARG B 499 -10.88 1.33 29.76
N TRP B 500 -10.81 1.20 28.44
CA TRP B 500 -9.87 0.27 27.82
C TRP B 500 -8.44 0.62 28.21
N PHE B 501 -8.08 1.91 28.11
CA PHE B 501 -6.75 2.37 28.48
C PHE B 501 -6.43 2.03 29.94
N LEU B 502 -7.38 2.34 30.84
CA LEU B 502 -7.19 2.07 32.26
C LEU B 502 -6.97 0.59 32.52
N ASP B 503 -7.83 -0.27 31.94
CA ASP B 503 -7.67 -1.70 32.12
C ASP B 503 -6.35 -2.20 31.53
N ARG B 504 -5.88 -1.58 30.45
CA ARG B 504 -4.67 -2.05 29.79
C ARG B 504 -3.39 -1.66 30.52
N THR B 505 -3.38 -0.50 31.20
CA THR B 505 -2.12 0.00 31.73
C THR B 505 -2.02 0.15 33.24
N CYS B 506 -3.13 0.23 33.97
CA CYS B 506 -3.09 0.65 35.36
C CYS B 506 -2.88 -0.51 36.31
N THR B 507 -1.97 -0.31 37.28
CA THR B 507 -1.84 -1.20 38.42
C THR B 507 -2.67 -0.75 39.62
N HIS B 508 -3.11 0.51 39.65
CA HIS B 508 -3.89 1.04 40.75
C HIS B 508 -4.95 1.99 40.22
N ILE B 509 -5.99 2.17 41.03
CA ILE B 509 -7.05 3.14 40.76
C ILE B 509 -7.22 4.02 42.00
N LEU B 510 -7.33 5.33 41.77
CA LEU B 510 -7.72 6.29 42.80
C LEU B 510 -9.04 6.90 42.37
N ALA B 511 -10.12 6.60 43.09
CA ALA B 511 -11.47 6.89 42.65
C ALA B 511 -12.22 7.77 43.64
N TRP B 512 -12.94 8.75 43.10
CA TRP B 512 -13.86 9.55 43.90
C TRP B 512 -15.08 8.73 44.29
N GLU B 513 -15.43 8.77 45.58
CA GLU B 513 -16.57 8.03 46.10
C GLU B 513 -17.36 8.90 47.06
N GLY B 514 -17.56 10.17 46.69
CA GLY B 514 -18.22 11.11 47.58
C GLY B 514 -19.66 10.74 47.85
N ASP B 515 -20.11 11.09 49.05
CA ASP B 515 -21.48 10.87 49.49
C ASP B 515 -22.19 12.20 49.66
N ASP B 516 -23.49 12.12 49.95
CA ASP B 516 -24.23 13.30 50.38
C ASP B 516 -23.68 13.89 51.67
N ASP B 517 -23.25 13.04 52.60
CA ASP B 517 -22.70 13.52 53.86
C ASP B 517 -21.25 13.98 53.71
N ASN B 518 -20.41 13.20 53.03
CA ASN B 518 -19.01 13.52 52.82
C ASN B 518 -18.74 13.56 51.32
N GLU B 519 -18.58 14.77 50.77
CA GLU B 519 -18.35 14.92 49.34
C GLU B 519 -16.93 14.60 48.91
N ALA B 520 -16.00 14.40 49.85
CA ALA B 520 -14.57 14.34 49.54
C ALA B 520 -13.91 13.00 49.85
N LYS B 521 -14.66 11.90 49.88
CA LYS B 521 -14.04 10.61 50.11
C LYS B 521 -13.47 10.04 48.82
N TRP B 522 -12.29 9.45 48.92
CA TRP B 522 -11.63 8.80 47.81
C TRP B 522 -11.21 7.41 48.23
N PHE B 523 -11.07 6.52 47.26
CA PHE B 523 -10.72 5.13 47.55
C PHE B 523 -9.51 4.74 46.71
N TRP B 524 -8.54 4.12 47.37
CA TRP B 524 -7.33 3.65 46.72
C TRP B 524 -7.41 2.13 46.56
N PHE B 525 -7.19 1.66 45.34
CA PHE B 525 -7.42 0.28 44.98
C PHE B 525 -6.24 -0.23 44.16
N GLU B 526 -5.77 -1.43 44.50
CA GLU B 526 -4.74 -2.11 43.73
C GLU B 526 -5.41 -3.04 42.73
N GLY B 527 -5.26 -2.72 41.45
CA GLY B 527 -6.00 -3.37 40.39
C GLY B 527 -6.42 -2.35 39.34
N ASN B 528 -7.02 -2.82 38.26
CA ASN B 528 -7.42 -1.94 37.17
C ASN B 528 -8.88 -1.49 37.35
N PHE B 529 -9.41 -0.81 36.35
CA PHE B 529 -10.74 -0.21 36.44
C PHE B 529 -11.83 -1.26 36.63
N GLY B 530 -11.81 -2.32 35.83
CA GLY B 530 -12.85 -3.35 35.96
C GLY B 530 -12.84 -4.01 37.31
N ALA B 531 -11.64 -4.31 37.83
CA ALA B 531 -11.55 -4.86 39.17
C ALA B 531 -12.02 -3.86 40.21
N TYR B 532 -11.71 -2.59 40.02
CA TYR B 532 -12.22 -1.58 40.94
C TYR B 532 -13.74 -1.56 40.95
N GLU B 533 -14.37 -1.62 39.77
CA GLU B 533 -15.82 -1.58 39.71
C GLU B 533 -16.44 -2.80 40.37
N GLU B 534 -15.88 -3.99 40.11
CA GLU B 534 -16.42 -5.18 40.75
C GLU B 534 -16.25 -5.10 42.27
N ASN B 535 -15.09 -4.62 42.73
CA ASN B 535 -14.87 -4.44 44.16
C ASN B 535 -15.80 -3.39 44.74
N LYS B 536 -16.10 -2.34 43.99
CA LYS B 536 -17.04 -1.32 44.44
C LYS B 536 -18.44 -1.89 44.62
N VAL B 537 -18.88 -2.73 43.68
CA VAL B 537 -20.18 -3.39 43.85
C VAL B 537 -20.16 -4.30 45.06
N GLU B 538 -19.07 -5.06 45.24
CA GLU B 538 -18.95 -5.95 46.39
C GLU B 538 -18.92 -5.17 47.71
N ARG B 539 -18.33 -3.97 47.72
CA ARG B 539 -18.05 -3.17 48.90
C ARG B 539 -19.21 -2.28 49.31
N LEU B 540 -19.91 -1.67 48.34
CA LEU B 540 -20.98 -0.71 48.61
C LEU B 540 -22.35 -1.21 48.20
N GLY B 541 -22.42 -2.23 47.37
CA GLY B 541 -23.68 -2.69 46.79
C GLY B 541 -23.95 -2.05 45.44
N VAL B 542 -24.68 -2.79 44.60
CA VAL B 542 -24.81 -2.43 43.20
C VAL B 542 -25.48 -1.08 43.04
N ASP B 543 -26.46 -0.78 43.90
CA ASP B 543 -27.22 0.45 43.77
C ASP B 543 -26.39 1.67 44.13
N ALA B 544 -25.48 1.54 45.11
CA ALA B 544 -24.59 2.63 45.50
C ALA B 544 -23.32 2.70 44.67
N ALA B 545 -22.94 1.62 43.98
CA ALA B 545 -21.79 1.67 43.08
C ALA B 545 -22.11 2.34 41.76
N ARG B 546 -23.39 2.40 41.39
CA ARG B 546 -23.85 3.08 40.20
C ARG B 546 -23.46 4.55 40.24
N PRO B 547 -23.24 5.18 39.09
CA PRO B 547 -22.97 6.62 39.07
C PRO B 547 -24.21 7.44 39.40
N HIS B 548 -23.96 8.58 40.03
CA HIS B 548 -25.01 9.50 40.45
C HIS B 548 -24.52 10.92 40.15
N ARG B 549 -25.47 11.85 40.01
CA ARG B 549 -25.08 13.25 39.89
C ARG B 549 -24.51 13.76 41.20
N VAL B 550 -23.51 14.62 41.09
CA VAL B 550 -22.81 15.17 42.24
C VAL B 550 -23.52 16.43 42.75
N THR B 551 -23.62 16.52 44.08
CA THR B 551 -24.21 17.66 44.76
C THR B 551 -23.31 18.04 45.92
N HIS B 552 -23.20 19.34 46.20
CA HIS B 552 -22.24 19.84 47.18
C HIS B 552 -22.63 21.21 47.73
PB ADP C . 12.23 -18.44 -37.45
O1B ADP C . 13.56 -19.11 -37.26
O2B ADP C . 11.12 -19.00 -36.59
O3B ADP C . 12.25 -16.94 -37.55
PA ADP C . 11.08 -20.29 -39.27
O1A ADP C . 12.00 -21.44 -38.91
O2A ADP C . 9.67 -20.28 -38.73
O3A ADP C . 11.83 -18.90 -38.94
O5' ADP C . 11.05 -20.20 -40.86
C5' ADP C . 12.27 -20.10 -41.58
C4' ADP C . 11.98 -19.82 -43.04
O4' ADP C . 11.39 -20.99 -43.63
C3' ADP C . 10.96 -18.70 -43.21
O3' ADP C . 11.43 -17.72 -44.15
C2' ADP C . 9.69 -19.34 -43.72
O2' ADP C . 9.07 -18.52 -44.73
C1' ADP C . 10.17 -20.65 -44.30
N9 ADP C . 9.17 -21.72 -44.08
C8 ADP C . 8.79 -22.21 -42.90
N7 ADP C . 7.84 -23.17 -43.05
C5 ADP C . 7.60 -23.30 -44.37
C6 ADP C . 6.72 -24.13 -45.23
N6 ADP C . 5.87 -25.04 -44.69
N1 ADP C . 6.79 -23.93 -46.56
C2 ADP C . 7.62 -23.02 -47.11
N3 ADP C . 8.44 -22.24 -46.40
C4 ADP C . 8.48 -22.33 -45.05
PB ADP D . -14.12 14.13 10.81
O1B ADP D . -14.20 12.93 9.90
O2B ADP D . -15.35 14.37 11.65
O3B ADP D . -12.83 14.21 11.59
PA ADP D . -15.33 15.93 8.96
O1A ADP D . -16.29 14.79 8.70
O2A ADP D . -15.86 17.12 9.70
O3A ADP D . -14.07 15.41 9.84
O5' ADP D . -14.70 16.51 7.60
C5' ADP D . -13.63 15.90 6.90
C4' ADP D . -13.03 16.94 5.95
O4' ADP D . -14.05 17.75 5.34
C3' ADP D . -12.12 17.88 6.73
O3' ADP D . -10.79 17.81 6.19
C2' ADP D . -12.69 19.27 6.52
O2' ADP D . -11.64 20.18 6.16
C1' ADP D . -13.69 19.13 5.38
N9 ADP D . -14.89 19.98 5.62
C8 ADP D . -15.92 19.70 6.44
N7 ADP D . -16.86 20.69 6.40
C5 ADP D . -16.43 21.61 5.51
C6 ADP D . -16.93 22.91 4.99
N6 ADP D . -18.11 23.43 5.41
N1 ADP D . -16.16 23.55 4.08
C2 ADP D . -15.00 23.04 3.65
N3 ADP D . -14.48 21.87 4.09
C4 ADP D . -15.14 21.13 4.99
MG MG E . -15.61 14.76 13.96
MG MG F . 9.89 -18.35 -34.98
PB ADP G . 1.45 0.63 -20.92
O1B ADP G . 2.10 1.34 -22.09
O2B ADP G . 1.11 -0.83 -21.17
O3B ADP G . 2.09 0.90 -19.59
PA ADP G . -0.46 2.58 -21.72
O1A ADP G . -0.54 2.17 -23.18
O2A ADP G . 0.30 3.82 -21.31
O3A ADP G . 0.01 1.32 -20.81
O5' ADP G . -1.98 2.71 -21.21
C5' ADP G . -2.31 2.97 -19.85
C4' ADP G . -3.81 2.79 -19.76
O4' ADP G . -4.44 3.87 -20.45
C3' ADP G . -4.26 1.50 -20.42
O3' ADP G . -5.14 0.76 -19.56
C2' ADP G . -4.99 1.93 -21.66
O2' ADP G . -6.17 1.14 -21.84
C1' ADP G . -5.38 3.37 -21.40
N9 ADP G . -5.34 4.21 -22.62
C8 ADP G . -4.25 4.62 -23.28
N7 ADP G . -4.56 5.40 -24.35
C5 ADP G . -5.92 5.51 -24.37
C6 ADP G . -6.91 6.18 -25.24
N6 ADP G . -6.54 6.92 -26.31
N1 ADP G . -8.22 6.04 -24.91
C2 ADP G . -8.61 5.30 -23.84
N3 ADP G . -7.75 4.67 -23.03
C4 ADP G . -6.42 4.72 -23.23
PB ADP H . -11.59 18.27 38.08
O1B ADP H . -10.13 18.09 37.73
O2B ADP H . -12.04 17.55 39.34
O3B ADP H . -12.53 18.09 36.92
PA ADP H . -10.57 20.65 39.24
O1A ADP H . -9.86 21.54 38.26
O2A ADP H . -9.78 19.64 40.03
O3A ADP H . -11.72 19.84 38.45
O5' ADP H . -11.41 21.58 40.26
C5' ADP H . -12.65 21.15 40.81
C4' ADP H . -13.39 22.32 41.46
O4' ADP H . -12.45 23.15 42.15
C3' ADP H . -14.12 23.20 40.45
O3' ADP H . -15.52 23.21 40.72
C2' ADP H . -13.54 24.60 40.60
O2' ADP H . -14.60 25.56 40.76
C1' ADP H . -12.72 24.53 41.89
N9 ADP H . -11.46 25.30 41.78
C8 ADP H . -10.43 24.98 40.98
N7 ADP H . -9.43 25.89 41.09
C5 ADP H . -9.83 26.83 41.96
C6 ADP H . -9.26 28.08 42.53
N6 ADP H . -8.02 28.50 42.17
N1 ADP H . -10.00 28.78 43.41
C2 ADP H . -11.23 28.36 43.77
N3 ADP H . -11.82 27.24 43.30
C4 ADP H . -11.18 26.46 42.40
MG MG I . -9.71 18.45 35.29
MG MG J . 2.75 -0.23 -23.89
#